data_5SYN
#
_entry.id   5SYN
#
_cell.length_a   78.210
_cell.length_b   79.790
_cell.length_c   138.610
_cell.angle_alpha   90.00
_cell.angle_beta   93.30
_cell.angle_gamma   90.00
#
_symmetry.space_group_name_H-M   'C 1 2 1'
#
loop_
_entity.id
_entity.type
_entity.pdbx_description
1 polymer 'Acyl-protein thioesterase 2'
2 non-polymer 2-[4-(4-methoxyphenyl)piperazine-1-carbonyl]-5lambda~6~-thieno[3,2-c][1]benzothiopyran-5,5(4H)-dione
3 non-polymer 1,2-ETHANEDIOL
4 water water
#
_entity_poly.entity_id   1
_entity_poly.type   'polypeptide(L)'
_entity_poly.pdbx_seq_one_letter_code
;MCGNTMSVPLLTDAATVSGAERETAAVIFLHGLGDTGHSWADALSTIRLPHVKYICPHAPRIPVTLNMKMVMPSWFDLMG
LSPDAPEDEAGIKKAAENIKALIEHEMKNGIPANRIVLGGFSQGGALSLYTALTCPHPLAGIVALSCWLPLHRAFPQAAN
GSAKDLAILQCHGELDPMVPVRFGALTAEKLRSVVTPARVQFKTYPGVMHSSCPQEMAAVKEFLEKLLPPV
;
_entity_poly.pdbx_strand_id   A,B,C,D
#
loop_
_chem_comp.id
_chem_comp.type
_chem_comp.name
_chem_comp.formula
71T non-polymer 2-[4-(4-methoxyphenyl)piperazine-1-carbonyl]-5lambda~6~-thieno[3,2-c][1]benzothiopyran-5,5(4H)-dione 'C23 H22 N2 O4 S2'
EDO non-polymer 1,2-ETHANEDIOL 'C2 H6 O2'
#
# COMPACT_ATOMS: atom_id res chain seq x y z
N PRO A 9 10.54 3.96 -23.59
CA PRO A 9 10.06 2.90 -24.47
C PRO A 9 9.18 1.90 -23.72
N LEU A 10 7.85 1.97 -23.93
CA LEU A 10 6.90 1.10 -23.24
C LEU A 10 6.64 -0.17 -24.05
N LEU A 11 7.01 -1.33 -23.48
CA LEU A 11 6.83 -2.67 -24.06
C LEU A 11 5.98 -3.50 -23.09
N THR A 12 4.74 -3.82 -23.51
CA THR A 12 3.79 -4.55 -22.67
C THR A 12 3.54 -5.96 -23.21
N ASP A 13 3.81 -6.96 -22.36
CA ASP A 13 3.51 -8.37 -22.61
C ASP A 13 2.19 -8.65 -21.88
N ALA A 14 1.11 -8.94 -22.63
CA ALA A 14 -0.18 -9.17 -21.98
C ALA A 14 -1.12 -10.05 -22.80
N ALA A 15 -2.18 -10.55 -22.13
CA ALA A 15 -3.33 -11.20 -22.75
C ALA A 15 -4.46 -10.19 -22.62
N THR A 16 -4.98 -9.68 -23.75
CA THR A 16 -5.99 -8.64 -23.78
C THR A 16 -7.31 -9.14 -24.36
N VAL A 17 -8.42 -8.90 -23.62
CA VAL A 17 -9.76 -9.18 -24.13
C VAL A 17 -10.22 -7.86 -24.76
N SER A 18 -10.39 -7.85 -26.08
CA SER A 18 -10.84 -6.67 -26.82
C SER A 18 -12.35 -6.49 -26.70
N GLY A 19 -12.82 -5.27 -26.86
CA GLY A 19 -14.23 -4.99 -26.92
C GLY A 19 -14.77 -5.33 -28.29
N ALA A 20 -16.02 -5.81 -28.35
CA ALA A 20 -16.71 -6.13 -29.61
C ALA A 20 -17.13 -4.82 -30.29
N GLU A 21 -17.29 -3.75 -29.48
CA GLU A 21 -17.62 -2.41 -29.96
C GLU A 21 -16.39 -1.53 -29.71
N ARG A 22 -16.39 -0.28 -30.23
CA ARG A 22 -15.28 0.66 -29.98
C ARG A 22 -15.11 0.80 -28.46
N GLU A 23 -13.88 0.63 -28.00
CA GLU A 23 -13.52 0.67 -26.58
C GLU A 23 -13.53 2.10 -26.05
N THR A 24 -14.32 2.32 -24.98
CA THR A 24 -14.52 3.60 -24.32
C THR A 24 -14.14 3.49 -22.83
N ALA A 25 -13.65 2.31 -22.43
CA ALA A 25 -13.22 1.99 -21.06
C ALA A 25 -12.17 0.89 -21.04
N ALA A 26 -11.36 0.86 -19.96
CA ALA A 26 -10.32 -0.14 -19.85
C ALA A 26 -10.23 -0.67 -18.43
N VAL A 27 -10.05 -1.98 -18.31
CA VAL A 27 -9.79 -2.68 -17.05
C VAL A 27 -8.37 -3.24 -17.15
N ILE A 28 -7.46 -2.83 -16.24
CA ILE A 28 -6.09 -3.40 -16.23
C ILE A 28 -6.06 -4.33 -15.02
N PHE A 29 -5.97 -5.65 -15.26
CA PHE A 29 -6.08 -6.67 -14.19
C PHE A 29 -4.78 -7.39 -14.03
N LEU A 30 -4.33 -7.49 -12.77
CA LEU A 30 -3.04 -8.04 -12.43
C LEU A 30 -3.20 -9.38 -11.73
N HIS A 31 -2.62 -10.44 -12.30
CA HIS A 31 -2.73 -11.80 -11.76
C HIS A 31 -1.93 -11.97 -10.42
N GLY A 32 -2.09 -13.12 -9.78
CA GLY A 32 -1.39 -13.44 -8.54
C GLY A 32 0.00 -14.01 -8.77
N LEU A 33 0.78 -14.19 -7.67
CA LEU A 33 2.14 -14.71 -7.71
C LEU A 33 2.19 -16.01 -8.53
N GLY A 34 3.20 -16.10 -9.40
CA GLY A 34 3.52 -17.25 -10.24
C GLY A 34 2.68 -17.49 -11.47
N ASP A 35 1.65 -16.71 -11.67
CA ASP A 35 0.73 -16.94 -12.78
C ASP A 35 1.16 -16.15 -14.00
N THR A 36 0.35 -16.21 -15.04
CA THR A 36 0.45 -15.39 -16.23
C THR A 36 -0.92 -14.70 -16.31
N GLY A 37 -1.13 -13.80 -17.25
CA GLY A 37 -2.44 -13.14 -17.33
C GLY A 37 -3.54 -13.93 -18.01
N HIS A 38 -3.18 -15.09 -18.64
CA HIS A 38 -4.03 -15.96 -19.46
CA HIS A 38 -4.04 -15.94 -19.47
C HIS A 38 -5.36 -16.35 -18.79
N SER A 39 -5.31 -17.04 -17.63
CA SER A 39 -6.50 -17.53 -16.92
C SER A 39 -7.44 -16.39 -16.56
N TRP A 40 -6.93 -15.29 -16.03
CA TRP A 40 -7.79 -14.15 -15.64
C TRP A 40 -8.38 -13.45 -16.89
N ALA A 41 -7.64 -13.41 -18.02
CA ALA A 41 -8.19 -12.88 -19.28
C ALA A 41 -9.41 -13.70 -19.68
N ASP A 42 -9.31 -15.06 -19.62
CA ASP A 42 -10.41 -15.97 -19.93
C ASP A 42 -11.60 -15.74 -19.01
N ALA A 43 -11.35 -15.59 -17.69
CA ALA A 43 -12.37 -15.35 -16.68
C ALA A 43 -13.07 -14.03 -16.93
N LEU A 44 -12.31 -12.96 -17.17
CA LEU A 44 -12.93 -11.64 -17.42
C LEU A 44 -13.72 -11.63 -18.76
N SER A 45 -13.26 -12.44 -19.77
CA SER A 45 -13.99 -12.55 -21.04
C SER A 45 -15.40 -13.14 -20.79
N THR A 46 -15.58 -14.04 -19.79
CA THR A 46 -16.88 -14.67 -19.48
C THR A 46 -17.88 -13.65 -18.94
N ILE A 47 -17.40 -12.48 -18.49
CA ILE A 47 -18.27 -11.40 -17.93
C ILE A 47 -18.06 -10.06 -18.66
N ARG A 48 -17.43 -10.11 -19.84
CA ARG A 48 -17.05 -8.91 -20.59
C ARG A 48 -18.25 -8.03 -20.97
N LEU A 49 -18.02 -6.70 -20.97
CA LEU A 49 -18.93 -5.65 -21.44
C LEU A 49 -18.51 -5.27 -22.87
N PRO A 50 -19.45 -5.02 -23.84
CA PRO A 50 -19.02 -4.80 -25.24
C PRO A 50 -18.04 -3.64 -25.53
N HIS A 51 -18.08 -2.55 -24.75
CA HIS A 51 -17.24 -1.36 -24.99
C HIS A 51 -16.01 -1.31 -24.07
N VAL A 52 -15.70 -2.41 -23.40
CA VAL A 52 -14.64 -2.46 -22.41
C VAL A 52 -13.60 -3.46 -22.85
N LYS A 53 -12.35 -3.00 -22.75
CA LYS A 53 -11.11 -3.71 -23.04
CA LYS A 53 -11.16 -3.77 -23.04
C LYS A 53 -10.59 -4.22 -21.69
N TYR A 54 -10.03 -5.43 -21.64
CA TYR A 54 -9.49 -5.98 -20.39
C TYR A 54 -8.06 -6.37 -20.63
N ILE A 55 -7.09 -5.62 -20.08
CA ILE A 55 -5.66 -5.86 -20.29
C ILE A 55 -5.12 -6.64 -19.10
N CYS A 56 -4.59 -7.83 -19.34
CA CYS A 56 -4.04 -8.70 -18.30
C CYS A 56 -2.53 -8.90 -18.52
N PRO A 57 -1.71 -7.97 -18.03
CA PRO A 57 -0.25 -8.10 -18.27
C PRO A 57 0.39 -9.27 -17.55
N HIS A 58 1.44 -9.82 -18.18
CA HIS A 58 2.17 -10.93 -17.61
C HIS A 58 3.28 -10.39 -16.72
N ALA A 59 3.30 -10.80 -15.42
CA ALA A 59 4.35 -10.34 -14.50
C ALA A 59 5.73 -10.78 -14.96
N PRO A 60 6.80 -9.96 -14.70
CA PRO A 60 8.14 -10.40 -15.06
C PRO A 60 8.64 -11.50 -14.12
N ARG A 61 9.54 -12.34 -14.60
CA ARG A 61 10.10 -13.39 -13.75
C ARG A 61 11.28 -12.83 -12.95
N ILE A 62 11.16 -12.92 -11.61
CA ILE A 62 12.19 -12.44 -10.70
C ILE A 62 12.48 -13.47 -9.59
N PRO A 63 13.64 -13.41 -8.90
CA PRO A 63 13.81 -14.30 -7.74
C PRO A 63 12.87 -13.85 -6.60
N VAL A 64 12.18 -14.82 -5.94
CA VAL A 64 11.26 -14.54 -4.83
C VAL A 64 11.88 -15.10 -3.55
N THR A 65 12.28 -14.20 -2.62
CA THR A 65 12.98 -14.52 -1.36
C THR A 65 12.28 -15.64 -0.60
N LEU A 66 10.98 -15.45 -0.29
CA LEU A 66 10.15 -16.39 0.45
C LEU A 66 10.11 -17.81 -0.14
N ASN A 67 10.25 -17.96 -1.47
CA ASN A 67 10.27 -19.27 -2.12
C ASN A 67 11.73 -19.74 -2.38
N MET A 68 12.65 -19.62 -1.37
CA MET A 68 14.07 -20.04 -1.46
C MET A 68 14.81 -19.34 -2.64
N LYS A 69 14.47 -18.04 -2.87
CA LYS A 69 15.01 -17.15 -3.92
C LYS A 69 14.79 -17.73 -5.33
N MET A 70 13.76 -18.59 -5.51
CA MET A 70 13.43 -19.22 -6.77
C MET A 70 12.89 -18.19 -7.78
N VAL A 71 13.29 -18.34 -9.07
CA VAL A 71 12.85 -17.44 -10.14
C VAL A 71 11.47 -17.84 -10.59
N MET A 72 10.51 -16.90 -10.51
CA MET A 72 9.12 -17.11 -10.92
C MET A 72 8.41 -15.79 -11.27
N PRO A 73 7.24 -15.83 -11.95
CA PRO A 73 6.53 -14.59 -12.23
C PRO A 73 6.04 -13.96 -10.91
N SER A 74 6.40 -12.69 -10.71
CA SER A 74 6.06 -11.94 -9.50
C SER A 74 6.14 -10.45 -9.75
N TRP A 75 5.17 -9.69 -9.20
CA TRP A 75 5.10 -8.23 -9.39
C TRP A 75 6.16 -7.51 -8.56
N PHE A 76 6.58 -8.15 -7.44
CA PHE A 76 7.64 -7.63 -6.58
C PHE A 76 8.12 -8.75 -5.65
N ASP A 77 9.21 -8.55 -4.88
CA ASP A 77 9.69 -9.61 -3.99
C ASP A 77 8.73 -9.80 -2.80
N LEU A 78 8.72 -11.03 -2.19
CA LEU A 78 7.87 -11.31 -1.02
C LEU A 78 8.77 -11.94 0.05
N MET A 79 8.62 -11.50 1.31
CA MET A 79 9.50 -11.96 2.39
C MET A 79 8.75 -12.59 3.58
N GLY A 80 7.57 -12.08 3.90
CA GLY A 80 6.78 -12.59 5.02
C GLY A 80 5.29 -12.59 4.77
N LEU A 81 4.53 -13.31 5.62
CA LEU A 81 3.08 -13.48 5.50
C LEU A 81 2.26 -12.70 6.56
N SER A 82 2.93 -12.02 7.53
CA SER A 82 2.24 -11.25 8.57
C SER A 82 2.18 -9.77 8.17
N PRO A 83 1.18 -8.99 8.64
CA PRO A 83 1.07 -7.57 8.23
C PRO A 83 2.29 -6.69 8.58
N ASP A 84 3.10 -7.12 9.55
CA ASP A 84 4.29 -6.39 10.00
C ASP A 84 5.57 -6.86 9.29
N ALA A 85 5.46 -7.85 8.40
CA ALA A 85 6.62 -8.41 7.68
C ALA A 85 7.25 -7.37 6.77
N PRO A 86 8.58 -7.41 6.52
CA PRO A 86 9.16 -6.41 5.60
C PRO A 86 8.60 -6.57 4.20
N GLU A 87 8.30 -5.46 3.53
CA GLU A 87 7.84 -5.51 2.15
C GLU A 87 8.90 -4.88 1.27
N ASP A 88 8.87 -5.23 -0.03
CA ASP A 88 9.81 -4.77 -1.05
C ASP A 88 9.38 -3.37 -1.53
N GLU A 89 9.66 -2.33 -0.71
CA GLU A 89 9.25 -0.95 -1.02
C GLU A 89 9.69 -0.50 -2.39
N ALA A 90 10.98 -0.67 -2.72
CA ALA A 90 11.53 -0.26 -4.03
C ALA A 90 10.84 -1.01 -5.18
N GLY A 91 10.57 -2.32 -4.99
CA GLY A 91 9.94 -3.18 -6.00
C GLY A 91 8.48 -2.85 -6.26
N ILE A 92 7.73 -2.62 -5.16
CA ILE A 92 6.32 -2.22 -5.18
C ILE A 92 6.19 -0.88 -5.97
N LYS A 93 7.00 0.15 -5.62
CA LYS A 93 6.99 1.47 -6.29
C LYS A 93 7.38 1.42 -7.78
N LYS A 94 8.35 0.55 -8.15
CA LYS A 94 8.80 0.44 -9.55
C LYS A 94 7.69 -0.20 -10.38
N ALA A 95 7.03 -1.24 -9.81
CA ALA A 95 5.95 -1.95 -10.46
C ALA A 95 4.75 -1.03 -10.62
N ALA A 96 4.46 -0.19 -9.58
CA ALA A 96 3.40 0.82 -9.63
C ALA A 96 3.70 1.83 -10.75
N GLU A 97 4.98 2.27 -10.91
CA GLU A 97 5.37 3.16 -12.00
C GLU A 97 5.08 2.53 -13.37
N ASN A 98 5.42 1.22 -13.56
CA ASN A 98 5.17 0.50 -14.82
C ASN A 98 3.67 0.44 -15.12
N ILE A 99 2.83 0.23 -14.09
CA ILE A 99 1.37 0.23 -14.25
C ILE A 99 0.89 1.66 -14.56
N LYS A 100 1.42 2.69 -13.85
CA LYS A 100 1.03 4.08 -14.12
C LYS A 100 1.36 4.49 -15.59
N ALA A 101 2.38 3.89 -16.22
CA ALA A 101 2.74 4.15 -17.63
C ALA A 101 1.65 3.55 -18.53
N LEU A 102 1.13 2.37 -18.13
CA LEU A 102 0.06 1.73 -18.89
C LEU A 102 -1.20 2.62 -18.83
N ILE A 103 -1.50 3.19 -17.63
CA ILE A 103 -2.65 4.08 -17.45
C ILE A 103 -2.50 5.28 -18.41
N GLU A 104 -1.36 5.98 -18.35
CA GLU A 104 -1.07 7.15 -19.20
C GLU A 104 -1.08 6.81 -20.71
N HIS A 105 -0.71 5.59 -21.08
CA HIS A 105 -0.78 5.16 -22.47
C HIS A 105 -2.23 5.10 -22.93
N GLU A 106 -3.13 4.50 -22.10
CA GLU A 106 -4.54 4.40 -22.46
C GLU A 106 -5.16 5.81 -22.57
N MET A 107 -4.71 6.71 -21.70
CA MET A 107 -5.14 8.11 -21.66
C MET A 107 -4.71 8.87 -22.93
N LYS A 108 -3.44 8.69 -23.33
CA LYS A 108 -2.84 9.28 -24.54
C LYS A 108 -3.61 8.86 -25.82
N ASN A 109 -4.23 7.65 -25.77
CA ASN A 109 -4.89 7.04 -26.91
C ASN A 109 -6.44 7.06 -26.85
N GLY A 110 -7.00 8.00 -26.10
CA GLY A 110 -8.44 8.25 -26.12
C GLY A 110 -9.35 7.68 -25.07
N ILE A 111 -8.80 7.06 -24.01
CA ILE A 111 -9.60 6.50 -22.93
C ILE A 111 -9.44 7.43 -21.72
N PRO A 112 -10.51 8.09 -21.25
CA PRO A 112 -10.37 8.99 -20.09
C PRO A 112 -9.94 8.24 -18.83
N ALA A 113 -9.16 8.88 -17.95
CA ALA A 113 -8.75 8.19 -16.73
C ALA A 113 -10.00 7.74 -15.94
N ASN A 114 -11.10 8.56 -15.89
CA ASN A 114 -12.29 8.16 -15.10
C ASN A 114 -13.10 7.04 -15.80
N ARG A 115 -12.51 6.43 -16.85
CA ARG A 115 -13.04 5.26 -17.56
C ARG A 115 -12.04 4.07 -17.45
N ILE A 116 -11.03 4.15 -16.54
CA ILE A 116 -10.00 3.13 -16.34
C ILE A 116 -10.18 2.54 -14.93
N VAL A 117 -10.27 1.21 -14.86
CA VAL A 117 -10.39 0.50 -13.56
C VAL A 117 -9.15 -0.34 -13.41
N LEU A 118 -8.54 -0.33 -12.21
CA LEU A 118 -7.40 -1.21 -11.93
C LEU A 118 -7.92 -2.41 -11.14
N GLY A 119 -7.28 -3.55 -11.27
CA GLY A 119 -7.74 -4.69 -10.47
C GLY A 119 -6.73 -5.80 -10.37
N GLY A 120 -7.02 -6.79 -9.56
CA GLY A 120 -6.12 -7.91 -9.45
C GLY A 120 -6.52 -8.94 -8.43
N PHE A 121 -5.75 -10.00 -8.42
CA PHE A 121 -5.91 -11.11 -7.48
C PHE A 121 -4.67 -11.19 -6.62
N SER A 122 -4.87 -11.33 -5.29
CA SER A 122 -3.79 -11.51 -4.31
C SER A 122 -2.64 -10.53 -4.54
N GLN A 123 -1.42 -10.99 -4.90
CA GLN A 123 -0.32 -10.06 -5.12
C GLN A 123 -0.68 -8.98 -6.18
N GLY A 124 -1.36 -9.36 -7.26
CA GLY A 124 -1.76 -8.42 -8.32
C GLY A 124 -2.78 -7.42 -7.83
N GLY A 125 -3.74 -7.89 -7.02
CA GLY A 125 -4.73 -7.03 -6.38
C GLY A 125 -4.05 -6.03 -5.47
N ALA A 126 -3.03 -6.52 -4.73
CA ALA A 126 -2.26 -5.69 -3.81
C ALA A 126 -1.55 -4.56 -4.59
N LEU A 127 -0.94 -4.87 -5.76
CA LEU A 127 -0.30 -3.85 -6.58
C LEU A 127 -1.34 -2.87 -7.13
N SER A 128 -2.53 -3.36 -7.54
CA SER A 128 -3.55 -2.47 -8.09
CA SER A 128 -3.58 -2.49 -8.09
C SER A 128 -4.07 -1.48 -7.03
N LEU A 129 -4.14 -1.90 -5.74
CA LEU A 129 -4.58 -0.96 -4.67
C LEU A 129 -3.55 0.17 -4.47
N TYR A 130 -2.24 -0.20 -4.36
CA TYR A 130 -1.17 0.79 -4.18
C TYR A 130 -1.13 1.77 -5.35
N THR A 131 -1.12 1.24 -6.58
CA THR A 131 -1.04 2.05 -7.80
C THR A 131 -2.26 2.99 -7.93
N ALA A 132 -3.49 2.49 -7.78
CA ALA A 132 -4.66 3.39 -7.94
C ALA A 132 -4.68 4.49 -6.86
N LEU A 133 -4.39 4.13 -5.61
CA LEU A 133 -4.40 5.11 -4.50
C LEU A 133 -3.33 6.19 -4.66
N THR A 134 -2.24 5.92 -5.38
CA THR A 134 -1.12 6.88 -5.54
C THR A 134 -1.05 7.47 -6.95
N CYS A 135 -2.04 7.15 -7.79
CA CYS A 135 -2.08 7.60 -9.18
C CYS A 135 -2.48 9.06 -9.23
N PRO A 136 -1.75 9.89 -10.01
CA PRO A 136 -2.04 11.32 -10.06
C PRO A 136 -3.25 11.69 -10.90
N HIS A 137 -3.85 10.70 -11.58
CA HIS A 137 -5.03 10.87 -12.43
C HIS A 137 -6.25 10.24 -11.75
N PRO A 138 -7.45 10.88 -11.83
CA PRO A 138 -8.61 10.31 -11.11
C PRO A 138 -9.19 9.15 -11.89
N LEU A 139 -8.93 7.94 -11.39
CA LEU A 139 -9.34 6.68 -12.00
C LEU A 139 -10.79 6.37 -11.66
N ALA A 140 -11.41 5.43 -12.42
CA ALA A 140 -12.80 5.08 -12.12
C ALA A 140 -12.90 4.33 -10.84
N GLY A 141 -12.00 3.36 -10.66
CA GLY A 141 -12.07 2.52 -9.46
C GLY A 141 -11.09 1.37 -9.44
N ILE A 142 -11.33 0.44 -8.50
CA ILE A 142 -10.48 -0.73 -8.30
C ILE A 142 -11.33 -1.97 -8.00
N VAL A 143 -10.93 -3.15 -8.51
CA VAL A 143 -11.53 -4.46 -8.27
C VAL A 143 -10.41 -5.26 -7.59
N ALA A 144 -10.43 -5.31 -6.25
CA ALA A 144 -9.36 -5.87 -5.45
C ALA A 144 -9.79 -7.19 -4.88
N LEU A 145 -9.21 -8.31 -5.39
CA LEU A 145 -9.65 -9.64 -4.99
C LEU A 145 -8.67 -10.38 -4.13
N SER A 146 -9.14 -10.88 -2.97
CA SER A 146 -8.33 -11.65 -2.02
C SER A 146 -6.93 -11.04 -1.84
N CYS A 147 -6.86 -9.76 -1.37
CA CYS A 147 -5.54 -9.13 -1.29
C CYS A 147 -5.38 -8.26 -0.04
N TRP A 148 -4.30 -7.44 -0.07
CA TRP A 148 -3.93 -6.55 1.02
C TRP A 148 -3.37 -5.28 0.44
N LEU A 149 -3.28 -4.23 1.28
CA LEU A 149 -2.69 -2.98 0.86
C LEU A 149 -1.18 -3.00 1.14
N PRO A 150 -0.32 -2.98 0.09
CA PRO A 150 1.13 -2.86 0.35
C PRO A 150 1.47 -1.51 0.98
N LEU A 151 2.52 -1.49 1.82
CA LEU A 151 3.04 -0.28 2.49
C LEU A 151 1.90 0.45 3.22
N HIS A 152 1.03 -0.33 3.91
CA HIS A 152 -0.20 0.14 4.56
C HIS A 152 0.05 1.25 5.60
N ARG A 153 1.23 1.23 6.26
CA ARG A 153 1.56 2.25 7.28
C ARG A 153 1.75 3.66 6.70
N ALA A 154 2.02 3.76 5.39
CA ALA A 154 2.19 5.03 4.69
C ALA A 154 0.83 5.71 4.38
N PHE A 155 -0.27 4.95 4.53
CA PHE A 155 -1.61 5.40 4.20
C PHE A 155 -2.37 5.82 5.49
N PRO A 156 -3.32 6.77 5.41
CA PRO A 156 -3.86 7.44 4.20
C PRO A 156 -2.96 8.56 3.62
N GLN A 157 -1.94 9.03 4.36
CA GLN A 157 -1.05 10.14 3.97
C GLN A 157 -0.49 10.01 2.55
N ALA A 158 0.03 8.83 2.21
CA ALA A 158 0.65 8.50 0.91
C ALA A 158 -0.31 8.55 -0.29
N ALA A 159 -1.62 8.48 -0.05
CA ALA A 159 -2.58 8.47 -1.16
C ALA A 159 -2.64 9.85 -1.86
N ASN A 160 -2.83 9.84 -3.19
CA ASN A 160 -2.89 11.07 -3.96
C ASN A 160 -4.25 11.73 -3.70
N GLY A 161 -4.32 13.04 -3.88
CA GLY A 161 -5.56 13.80 -3.76
C GLY A 161 -6.64 13.27 -4.71
N SER A 162 -6.21 12.71 -5.87
CA SER A 162 -7.09 12.15 -6.92
C SER A 162 -7.77 10.83 -6.54
N ALA A 163 -7.38 10.25 -5.40
CA ALA A 163 -7.92 8.97 -4.91
C ALA A 163 -9.33 9.11 -4.29
N LYS A 164 -9.76 10.35 -3.97
CA LYS A 164 -11.06 10.65 -3.34
C LYS A 164 -12.29 10.12 -4.11
N ASP A 165 -12.25 10.19 -5.44
CA ASP A 165 -13.35 9.84 -6.33
C ASP A 165 -13.42 8.33 -6.63
N LEU A 166 -12.42 7.56 -6.21
CA LEU A 166 -12.40 6.11 -6.53
C LEU A 166 -13.61 5.33 -6.02
N ALA A 167 -14.07 4.35 -6.81
CA ALA A 167 -15.12 3.40 -6.37
C ALA A 167 -14.41 2.07 -6.19
N ILE A 168 -14.55 1.45 -5.02
CA ILE A 168 -13.80 0.23 -4.77
C ILE A 168 -14.69 -0.96 -4.46
N LEU A 169 -14.42 -2.07 -5.17
CA LEU A 169 -15.00 -3.36 -4.91
C LEU A 169 -13.89 -4.23 -4.40
N GLN A 170 -13.97 -4.61 -3.13
CA GLN A 170 -12.96 -5.51 -2.56
C GLN A 170 -13.63 -6.80 -2.14
N CYS A 171 -13.19 -7.94 -2.69
CA CYS A 171 -13.76 -9.24 -2.37
C CYS A 171 -12.76 -10.10 -1.65
N HIS A 172 -13.27 -11.08 -0.86
CA HIS A 172 -12.41 -12.04 -0.14
C HIS A 172 -13.14 -13.33 0.20
N GLY A 173 -12.41 -14.44 0.17
CA GLY A 173 -12.94 -15.73 0.61
C GLY A 173 -12.75 -15.82 2.11
N GLU A 174 -13.82 -16.16 2.87
CA GLU A 174 -13.77 -16.22 4.33
C GLU A 174 -12.79 -17.26 4.87
N LEU A 175 -12.50 -18.32 4.08
CA LEU A 175 -11.64 -19.39 4.53
C LEU A 175 -10.30 -19.38 3.77
N ASP A 176 -9.85 -18.17 3.39
CA ASP A 176 -8.58 -18.02 2.68
C ASP A 176 -7.40 -18.27 3.62
N PRO A 177 -6.57 -19.30 3.34
CA PRO A 177 -5.44 -19.57 4.25
C PRO A 177 -4.18 -18.76 3.91
N MET A 178 -4.03 -18.29 2.64
CA MET A 178 -2.85 -17.54 2.13
C MET A 178 -2.88 -16.09 2.55
N VAL A 179 -4.04 -15.44 2.36
CA VAL A 179 -4.33 -14.07 2.77
C VAL A 179 -5.54 -14.19 3.69
N PRO A 180 -5.35 -14.33 5.02
CA PRO A 180 -6.50 -14.45 5.93
C PRO A 180 -7.51 -13.33 5.74
N VAL A 181 -8.83 -13.65 5.80
CA VAL A 181 -9.93 -12.71 5.59
C VAL A 181 -9.78 -11.47 6.50
N ARG A 182 -9.20 -11.62 7.74
CA ARG A 182 -8.98 -10.48 8.65
C ARG A 182 -7.99 -9.48 8.04
N PHE A 183 -7.00 -9.95 7.23
CA PHE A 183 -6.08 -9.02 6.57
C PHE A 183 -6.83 -8.19 5.52
N GLY A 184 -7.84 -8.80 4.86
CA GLY A 184 -8.68 -8.14 3.87
C GLY A 184 -9.52 -7.08 4.56
N ALA A 185 -10.10 -7.44 5.71
CA ALA A 185 -10.91 -6.55 6.56
C ALA A 185 -10.08 -5.36 7.04
N LEU A 186 -8.81 -5.60 7.48
CA LEU A 186 -7.92 -4.52 7.91
C LEU A 186 -7.58 -3.61 6.73
N THR A 187 -7.38 -4.20 5.55
CA THR A 187 -7.10 -3.43 4.32
C THR A 187 -8.30 -2.54 3.96
N ALA A 188 -9.55 -3.06 4.07
CA ALA A 188 -10.77 -2.31 3.76
C ALA A 188 -10.93 -1.05 4.66
N GLU A 189 -10.52 -1.16 5.94
CA GLU A 189 -10.56 -0.07 6.90
C GLU A 189 -9.61 1.04 6.42
N LYS A 190 -8.39 0.63 5.97
CA LYS A 190 -7.36 1.52 5.44
C LYS A 190 -7.82 2.19 4.16
N LEU A 191 -8.58 1.49 3.30
CA LEU A 191 -9.13 2.06 2.09
C LEU A 191 -10.22 3.07 2.42
N ARG A 192 -11.06 2.80 3.46
CA ARG A 192 -12.09 3.76 3.88
C ARG A 192 -11.43 4.99 4.54
N SER A 193 -10.11 4.93 4.82
CA SER A 193 -9.38 6.08 5.41
C SER A 193 -9.00 7.08 4.32
N VAL A 194 -9.12 6.66 3.04
CA VAL A 194 -8.82 7.46 1.85
C VAL A 194 -10.12 7.81 1.09
N VAL A 195 -10.94 6.79 0.80
CA VAL A 195 -12.19 6.88 0.05
C VAL A 195 -13.35 6.89 1.06
N THR A 196 -14.50 7.54 0.74
CA THR A 196 -15.64 7.54 1.67
C THR A 196 -16.11 6.09 1.94
N PRO A 197 -16.34 5.69 3.23
CA PRO A 197 -16.76 4.29 3.51
C PRO A 197 -17.87 3.74 2.62
N ALA A 198 -18.76 4.61 2.08
CA ALA A 198 -19.85 4.19 1.20
C ALA A 198 -19.34 3.79 -0.20
N ARG A 199 -18.19 4.35 -0.64
CA ARG A 199 -17.61 4.03 -1.94
C ARG A 199 -16.67 2.80 -1.88
N VAL A 200 -16.50 2.19 -0.69
CA VAL A 200 -15.74 0.96 -0.54
C VAL A 200 -16.77 -0.13 -0.24
N GLN A 201 -16.83 -1.17 -1.11
CA GLN A 201 -17.71 -2.32 -0.89
C GLN A 201 -16.83 -3.51 -0.54
N PHE A 202 -16.85 -3.98 0.71
CA PHE A 202 -16.06 -5.14 1.15
C PHE A 202 -17.00 -6.35 1.22
N LYS A 203 -16.80 -7.32 0.28
CA LYS A 203 -17.67 -8.52 0.19
C LYS A 203 -16.92 -9.78 0.57
N THR A 204 -17.47 -10.55 1.49
CA THR A 204 -16.81 -11.79 1.86
C THR A 204 -17.72 -12.92 1.49
N TYR A 205 -17.09 -14.03 1.15
CA TYR A 205 -17.77 -15.19 0.64
C TYR A 205 -17.52 -16.39 1.54
N PRO A 206 -18.57 -16.94 2.20
CA PRO A 206 -18.38 -18.15 3.04
C PRO A 206 -17.96 -19.35 2.20
N GLY A 207 -17.18 -20.26 2.80
CA GLY A 207 -16.72 -21.46 2.12
C GLY A 207 -15.82 -21.26 0.92
N VAL A 208 -15.29 -20.04 0.73
CA VAL A 208 -14.38 -19.77 -0.36
C VAL A 208 -12.97 -19.57 0.20
N MET A 209 -11.99 -20.20 -0.41
CA MET A 209 -10.60 -20.16 0.00
C MET A 209 -9.80 -19.14 -0.86
N HIS A 210 -8.53 -19.48 -1.24
CA HIS A 210 -7.69 -18.57 -2.02
C HIS A 210 -7.98 -18.81 -3.47
N SER A 211 -9.11 -18.23 -3.92
CA SER A 211 -9.64 -18.39 -5.28
C SER A 211 -10.76 -17.40 -5.56
N SER A 212 -11.30 -17.50 -6.77
CA SER A 212 -12.47 -16.75 -7.18
CA SER A 212 -12.48 -16.76 -7.20
C SER A 212 -13.70 -17.68 -6.99
N CYS A 213 -14.89 -17.22 -7.29
CA CYS A 213 -16.10 -18.03 -7.20
C CYS A 213 -17.16 -17.38 -8.08
N PRO A 214 -18.16 -18.13 -8.58
CA PRO A 214 -19.15 -17.50 -9.46
C PRO A 214 -19.84 -16.26 -8.86
N GLN A 215 -20.14 -16.21 -7.51
CA GLN A 215 -20.77 -15.02 -6.89
C GLN A 215 -19.86 -13.80 -6.94
N GLU A 216 -18.57 -14.00 -6.73
CA GLU A 216 -17.59 -12.90 -6.81
C GLU A 216 -17.54 -12.38 -8.25
N MET A 217 -17.45 -13.30 -9.26
CA MET A 217 -17.39 -12.90 -10.68
C MET A 217 -18.64 -12.11 -11.06
N ALA A 218 -19.83 -12.48 -10.48
CA ALA A 218 -21.09 -11.79 -10.71
C ALA A 218 -21.06 -10.39 -10.09
N ALA A 219 -20.48 -10.24 -8.88
CA ALA A 219 -20.32 -8.95 -8.21
C ALA A 219 -19.43 -8.05 -9.06
N VAL A 220 -18.33 -8.61 -9.60
CA VAL A 220 -17.43 -7.84 -10.44
C VAL A 220 -18.21 -7.34 -11.67
N LYS A 221 -18.96 -8.23 -12.35
CA LYS A 221 -19.75 -7.85 -13.51
C LYS A 221 -20.73 -6.71 -13.17
N GLU A 222 -21.53 -6.86 -12.06
CA GLU A 222 -22.48 -5.85 -11.61
C GLU A 222 -21.78 -4.50 -11.29
N PHE A 223 -20.62 -4.54 -10.59
CA PHE A 223 -19.83 -3.35 -10.22
C PHE A 223 -19.38 -2.58 -11.49
N LEU A 224 -18.79 -3.31 -12.46
CA LEU A 224 -18.30 -2.71 -13.71
C LEU A 224 -19.43 -2.21 -14.60
N GLU A 225 -20.57 -2.91 -14.60
CA GLU A 225 -21.71 -2.45 -15.43
C GLU A 225 -22.22 -1.08 -14.94
N LYS A 226 -22.27 -0.88 -13.61
CA LYS A 226 -22.74 0.35 -12.99
C LYS A 226 -21.65 1.43 -13.07
N LEU A 227 -20.39 1.03 -12.90
CA LEU A 227 -19.27 1.95 -12.93
C LEU A 227 -18.86 2.38 -14.34
N LEU A 228 -18.98 1.49 -15.33
CA LEU A 228 -18.55 1.80 -16.70
C LEU A 228 -19.72 1.66 -17.67
N PRO A 229 -20.81 2.47 -17.54
CA PRO A 229 -21.94 2.29 -18.47
C PRO A 229 -21.57 2.65 -19.90
N PRO A 230 -22.30 2.11 -20.90
CA PRO A 230 -21.99 2.44 -22.30
C PRO A 230 -22.01 3.94 -22.53
N VAL A 231 -21.02 4.41 -23.32
CA VAL A 231 -20.78 5.79 -23.78
C VAL A 231 -20.64 6.73 -22.60
N PRO B 9 -15.37 -14.05 -29.07
CA PRO B 9 -14.58 -12.97 -28.47
C PRO B 9 -13.16 -12.90 -29.03
N LEU B 10 -12.54 -11.71 -29.00
CA LEU B 10 -11.17 -11.52 -29.48
C LEU B 10 -10.23 -11.41 -28.28
N LEU B 11 -9.43 -12.46 -28.05
CA LEU B 11 -8.43 -12.49 -26.98
C LEU B 11 -7.03 -12.59 -27.63
N THR B 12 -6.19 -11.58 -27.39
CA THR B 12 -4.86 -11.48 -28.02
C THR B 12 -3.75 -11.45 -26.97
N ASP B 13 -2.85 -12.45 -27.07
CA ASP B 13 -1.65 -12.61 -26.26
C ASP B 13 -0.49 -12.12 -27.12
N ALA B 14 0.13 -11.04 -26.69
CA ALA B 14 1.14 -10.35 -27.48
C ALA B 14 2.07 -9.53 -26.66
N ALA B 15 3.26 -9.25 -27.24
CA ALA B 15 4.24 -8.28 -26.71
C ALA B 15 4.12 -7.05 -27.63
N THR B 16 3.70 -5.90 -27.08
CA THR B 16 3.43 -4.69 -27.89
C THR B 16 4.39 -3.55 -27.53
N VAL B 17 4.98 -2.93 -28.56
CA VAL B 17 5.79 -1.75 -28.40
C VAL B 17 4.83 -0.60 -28.61
N SER B 18 4.60 0.22 -27.58
CA SER B 18 3.68 1.33 -27.70
C SER B 18 4.37 2.54 -28.28
N GLY B 19 3.58 3.42 -28.89
CA GLY B 19 4.09 4.68 -29.42
C GLY B 19 4.26 5.68 -28.30
N ALA B 20 5.30 6.56 -28.41
CA ALA B 20 5.57 7.63 -27.42
C ALA B 20 4.50 8.72 -27.56
N GLU B 21 4.02 8.90 -28.81
CA GLU B 21 2.95 9.82 -29.18
C GLU B 21 1.68 9.00 -29.36
N ARG B 22 0.51 9.66 -29.48
CA ARG B 22 -0.76 8.99 -29.80
C ARG B 22 -0.55 8.12 -31.05
N GLU B 23 -1.01 6.86 -30.98
CA GLU B 23 -0.78 5.89 -32.04
C GLU B 23 -1.75 6.12 -33.21
N THR B 24 -1.20 6.47 -34.41
CA THR B 24 -1.97 6.73 -35.64
C THR B 24 -1.73 5.64 -36.70
N ALA B 25 -0.86 4.67 -36.38
CA ALA B 25 -0.54 3.57 -37.29
C ALA B 25 -0.17 2.33 -36.51
N ALA B 26 -0.21 1.16 -37.17
CA ALA B 26 0.09 -0.09 -36.50
C ALA B 26 0.81 -1.06 -37.38
N VAL B 27 1.77 -1.80 -36.78
CA VAL B 27 2.51 -2.90 -37.39
C VAL B 27 2.16 -4.15 -36.64
N ILE B 28 1.57 -5.12 -37.32
CA ILE B 28 1.29 -6.42 -36.70
C ILE B 28 2.39 -7.35 -37.25
N PHE B 29 3.30 -7.78 -36.37
CA PHE B 29 4.47 -8.57 -36.78
C PHE B 29 4.40 -9.96 -36.16
N LEU B 30 4.51 -10.98 -37.03
CA LEU B 30 4.36 -12.39 -36.68
C LEU B 30 5.70 -13.13 -36.70
N HIS B 31 6.11 -13.65 -35.53
CA HIS B 31 7.36 -14.37 -35.38
C HIS B 31 7.40 -15.68 -36.17
N GLY B 32 8.58 -16.32 -36.18
CA GLY B 32 8.84 -17.59 -36.84
C GLY B 32 8.43 -18.80 -36.00
N LEU B 33 8.45 -19.99 -36.63
CA LEU B 33 8.10 -21.24 -35.97
C LEU B 33 8.84 -21.42 -34.63
N GLY B 34 8.13 -21.85 -33.59
CA GLY B 34 8.75 -22.17 -32.30
C GLY B 34 9.11 -20.99 -31.41
N ASP B 35 8.92 -19.75 -31.88
CA ASP B 35 9.30 -18.56 -31.10
C ASP B 35 8.10 -18.00 -30.33
N THR B 36 8.33 -16.89 -29.61
CA THR B 36 7.31 -16.05 -28.96
C THR B 36 7.46 -14.71 -29.68
N GLY B 37 6.61 -13.74 -29.40
CA GLY B 37 6.75 -12.43 -30.04
C GLY B 37 7.77 -11.51 -29.36
N HIS B 38 8.35 -11.95 -28.24
CA HIS B 38 9.27 -11.13 -27.42
C HIS B 38 10.55 -10.63 -28.13
N SER B 39 11.33 -11.52 -28.78
CA SER B 39 12.57 -11.08 -29.47
C SER B 39 12.29 -10.03 -30.57
N TRP B 40 11.26 -10.27 -31.41
CA TRP B 40 10.91 -9.34 -32.48
C TRP B 40 10.38 -8.03 -31.92
N ALA B 41 9.68 -8.06 -30.77
CA ALA B 41 9.23 -6.80 -30.17
C ALA B 41 10.45 -5.92 -29.83
N ASP B 42 11.47 -6.54 -29.17
CA ASP B 42 12.74 -5.90 -28.82
C ASP B 42 13.43 -5.37 -30.07
N ALA B 43 13.54 -6.18 -31.17
CA ALA B 43 14.15 -5.72 -32.42
C ALA B 43 13.44 -4.52 -33.03
N LEU B 44 12.10 -4.57 -33.09
CA LEU B 44 11.30 -3.48 -33.68
C LEU B 44 11.38 -2.21 -32.83
N SER B 45 11.51 -2.35 -31.49
CA SER B 45 11.64 -1.19 -30.61
C SER B 45 12.90 -0.38 -30.97
N THR B 46 14.00 -1.04 -31.45
CA THR B 46 15.25 -0.35 -31.83
CA THR B 46 15.25 -0.36 -31.84
C THR B 46 15.02 0.54 -33.07
N ILE B 47 13.94 0.30 -33.86
CA ILE B 47 13.69 1.14 -35.06
C ILE B 47 12.31 1.84 -34.97
N ARG B 48 11.72 1.88 -33.75
CA ARG B 48 10.37 2.41 -33.53
C ARG B 48 10.14 3.87 -33.96
N LEU B 49 8.92 4.10 -34.50
CA LEU B 49 8.38 5.41 -34.88
C LEU B 49 7.52 5.90 -33.73
N PRO B 50 7.59 7.18 -33.34
CA PRO B 50 6.84 7.61 -32.15
C PRO B 50 5.32 7.43 -32.21
N HIS B 51 4.72 7.50 -33.40
CA HIS B 51 3.26 7.37 -33.50
C HIS B 51 2.82 5.96 -33.92
N VAL B 52 3.75 4.97 -33.95
CA VAL B 52 3.38 3.62 -34.40
C VAL B 52 3.44 2.63 -33.23
N LYS B 53 2.44 1.76 -33.19
CA LYS B 53 2.30 0.63 -32.26
CA LYS B 53 2.38 0.64 -32.24
C LYS B 53 2.86 -0.60 -32.99
N TYR B 54 3.68 -1.46 -32.33
CA TYR B 54 4.21 -2.67 -32.99
C TYR B 54 3.68 -3.84 -32.21
N ILE B 55 2.63 -4.51 -32.71
CA ILE B 55 1.97 -5.64 -32.04
C ILE B 55 2.65 -6.92 -32.49
N CYS B 56 3.22 -7.67 -31.54
CA CYS B 56 3.90 -8.95 -31.81
C CYS B 56 3.16 -10.08 -31.05
N PRO B 57 2.11 -10.65 -31.69
CA PRO B 57 1.37 -11.72 -31.01
C PRO B 57 2.13 -13.02 -30.89
N HIS B 58 1.79 -13.76 -29.81
CA HIS B 58 2.38 -15.05 -29.51
C HIS B 58 1.59 -16.15 -30.18
N ALA B 59 2.24 -16.90 -31.09
CA ALA B 59 1.55 -18.00 -31.77
C ALA B 59 1.08 -19.05 -30.75
N PRO B 60 -0.11 -19.63 -30.97
CA PRO B 60 -0.60 -20.72 -30.08
C PRO B 60 0.28 -21.94 -30.21
N ARG B 61 0.22 -22.83 -29.20
CA ARG B 61 0.98 -24.08 -29.22
C ARG B 61 0.09 -25.17 -29.82
N ILE B 62 0.53 -25.76 -30.93
CA ILE B 62 -0.18 -26.81 -31.65
C ILE B 62 0.80 -27.93 -32.03
N PRO B 63 0.34 -29.16 -32.37
CA PRO B 63 1.29 -30.17 -32.86
C PRO B 63 1.76 -29.84 -34.27
N VAL B 64 3.06 -30.01 -34.55
CA VAL B 64 3.63 -29.75 -35.87
C VAL B 64 4.05 -31.11 -36.47
N THR B 65 3.36 -31.54 -37.54
CA THR B 65 3.58 -32.82 -38.24
C THR B 65 5.09 -33.05 -38.58
N LEU B 66 5.76 -32.02 -39.12
CA LEU B 66 7.15 -32.03 -39.55
C LEU B 66 8.15 -32.27 -38.41
N ASN B 67 7.73 -31.97 -37.18
CA ASN B 67 8.52 -32.17 -35.98
C ASN B 67 7.96 -33.33 -35.15
N MET B 68 7.63 -34.48 -35.81
CA MET B 68 7.17 -35.72 -35.15
C MET B 68 5.89 -35.44 -34.28
N LYS B 69 5.05 -34.49 -34.78
CA LYS B 69 3.80 -34.01 -34.15
C LYS B 69 4.06 -33.44 -32.72
N MET B 70 5.30 -32.92 -32.47
CA MET B 70 5.71 -32.25 -31.23
C MET B 70 4.91 -30.95 -31.08
N VAL B 71 4.45 -30.65 -29.85
CA VAL B 71 3.67 -29.45 -29.55
C VAL B 71 4.62 -28.27 -29.34
N MET B 72 4.41 -27.20 -30.13
CA MET B 72 5.23 -25.99 -30.08
C MET B 72 4.47 -24.78 -30.66
N PRO B 73 4.96 -23.56 -30.44
CA PRO B 73 4.30 -22.40 -31.04
C PRO B 73 4.44 -22.43 -32.56
N SER B 74 3.28 -22.42 -33.25
CA SER B 74 3.23 -22.51 -34.72
C SER B 74 1.98 -21.80 -35.19
N TRP B 75 2.05 -21.05 -36.32
CA TRP B 75 0.89 -20.32 -36.83
C TRP B 75 -0.12 -21.23 -37.54
N PHE B 76 0.36 -22.40 -37.98
CA PHE B 76 -0.36 -23.44 -38.75
C PHE B 76 0.57 -24.66 -38.87
N ASP B 77 0.00 -25.81 -39.25
CA ASP B 77 0.76 -27.03 -39.38
C ASP B 77 1.76 -26.94 -40.55
N LEU B 78 2.86 -27.75 -40.48
CA LEU B 78 3.89 -27.76 -41.51
C LEU B 78 4.19 -29.20 -41.87
N MET B 79 4.23 -29.53 -43.16
CA MET B 79 4.45 -30.92 -43.60
C MET B 79 5.71 -31.12 -44.44
N GLY B 80 6.17 -30.12 -45.19
CA GLY B 80 7.34 -30.28 -46.05
C GLY B 80 8.14 -29.03 -46.31
N LEU B 81 9.35 -29.16 -46.92
CA LEU B 81 10.28 -28.03 -47.14
C LEU B 81 10.44 -27.59 -48.60
N SER B 82 9.76 -28.25 -49.52
CA SER B 82 9.84 -27.86 -50.93
C SER B 82 8.58 -27.09 -51.33
N PRO B 83 8.63 -26.21 -52.37
CA PRO B 83 7.41 -25.46 -52.77
C PRO B 83 6.20 -26.32 -53.09
N ASP B 84 6.40 -27.57 -53.57
CA ASP B 84 5.32 -28.48 -53.95
C ASP B 84 4.97 -29.47 -52.82
N ALA B 85 5.24 -29.08 -51.57
CA ALA B 85 4.88 -29.91 -50.42
C ALA B 85 3.43 -29.61 -50.06
N PRO B 86 2.69 -30.53 -49.37
CA PRO B 86 1.34 -30.16 -48.95
C PRO B 86 1.38 -29.09 -47.86
N GLU B 87 0.46 -28.11 -47.95
CA GLU B 87 0.37 -27.09 -46.90
C GLU B 87 -0.96 -27.23 -46.18
N ASP B 88 -1.03 -26.68 -44.97
CA ASP B 88 -2.20 -26.74 -44.12
C ASP B 88 -3.20 -25.67 -44.56
N GLU B 89 -3.94 -25.95 -45.66
CA GLU B 89 -4.92 -25.00 -46.18
C GLU B 89 -5.90 -24.48 -45.10
N ALA B 90 -6.59 -25.41 -44.40
CA ALA B 90 -7.58 -25.08 -43.36
C ALA B 90 -6.95 -24.25 -42.22
N GLY B 91 -5.75 -24.64 -41.79
CA GLY B 91 -5.01 -23.93 -40.75
C GLY B 91 -4.49 -22.56 -41.16
N ILE B 92 -4.01 -22.44 -42.43
CA ILE B 92 -3.51 -21.14 -42.92
C ILE B 92 -4.67 -20.15 -42.97
N LYS B 93 -5.84 -20.59 -43.48
CA LYS B 93 -7.03 -19.75 -43.62
C LYS B 93 -7.60 -19.32 -42.27
N LYS B 94 -7.64 -20.22 -41.26
CA LYS B 94 -8.09 -19.92 -39.90
C LYS B 94 -7.14 -18.92 -39.24
N ALA B 95 -5.81 -19.13 -39.36
CA ALA B 95 -4.78 -18.21 -38.87
C ALA B 95 -4.98 -16.81 -39.49
N ALA B 96 -5.16 -16.74 -40.84
CA ALA B 96 -5.44 -15.48 -41.55
C ALA B 96 -6.72 -14.80 -40.98
N GLU B 97 -7.80 -15.59 -40.70
CA GLU B 97 -9.03 -15.06 -40.11
C GLU B 97 -8.75 -14.38 -38.77
N ASN B 98 -7.86 -14.98 -37.94
CA ASN B 98 -7.51 -14.44 -36.64
C ASN B 98 -6.80 -13.10 -36.79
N ILE B 99 -5.83 -12.99 -37.72
CA ILE B 99 -5.12 -11.74 -38.00
C ILE B 99 -6.08 -10.66 -38.54
N LYS B 100 -7.02 -11.06 -39.43
CA LYS B 100 -8.00 -10.16 -40.00
C LYS B 100 -8.91 -9.59 -38.91
N ALA B 101 -9.19 -10.34 -37.82
CA ALA B 101 -9.98 -9.83 -36.67
C ALA B 101 -9.19 -8.76 -35.91
N LEU B 102 -7.88 -8.97 -35.77
CA LEU B 102 -6.96 -8.02 -35.15
C LEU B 102 -6.88 -6.71 -36.00
N ILE B 103 -6.84 -6.84 -37.33
CA ILE B 103 -6.86 -5.66 -38.24
C ILE B 103 -8.14 -4.85 -38.02
N GLU B 104 -9.29 -5.54 -38.01
CA GLU B 104 -10.61 -4.92 -37.83
C GLU B 104 -10.74 -4.29 -36.46
N HIS B 105 -10.05 -4.85 -35.45
CA HIS B 105 -10.07 -4.29 -34.11
C HIS B 105 -9.44 -2.91 -34.13
N GLU B 106 -8.29 -2.79 -34.79
CA GLU B 106 -7.55 -1.55 -34.91
C GLU B 106 -8.37 -0.51 -35.69
N MET B 107 -9.12 -0.95 -36.74
CA MET B 107 -9.98 -0.06 -37.53
C MET B 107 -11.14 0.46 -36.65
N LYS B 108 -11.75 -0.43 -35.86
CA LYS B 108 -12.86 -0.09 -34.95
C LYS B 108 -12.40 0.99 -33.94
N ASN B 109 -11.14 0.89 -33.51
CA ASN B 109 -10.58 1.85 -32.54
C ASN B 109 -9.79 3.04 -33.15
N GLY B 110 -10.04 3.33 -34.44
CA GLY B 110 -9.56 4.54 -35.07
C GLY B 110 -8.34 4.52 -35.96
N ILE B 111 -7.69 3.35 -36.11
CA ILE B 111 -6.52 3.24 -37.00
C ILE B 111 -6.99 2.72 -38.38
N PRO B 112 -6.99 3.60 -39.42
CA PRO B 112 -7.43 3.17 -40.76
C PRO B 112 -6.55 2.07 -41.33
N ALA B 113 -7.14 1.22 -42.21
CA ALA B 113 -6.44 0.06 -42.74
C ALA B 113 -5.20 0.45 -43.51
N ASN B 114 -5.23 1.60 -44.21
CA ASN B 114 -4.07 2.07 -44.96
C ASN B 114 -2.99 2.65 -44.03
N ARG B 115 -3.15 2.46 -42.70
CA ARG B 115 -2.13 2.85 -41.71
C ARG B 115 -1.72 1.61 -40.92
N ILE B 116 -2.02 0.42 -41.48
CA ILE B 116 -1.70 -0.85 -40.90
C ILE B 116 -0.79 -1.62 -41.85
N VAL B 117 0.34 -2.07 -41.29
CA VAL B 117 1.34 -2.90 -41.99
C VAL B 117 1.35 -4.26 -41.29
N LEU B 118 1.35 -5.34 -42.07
CA LEU B 118 1.43 -6.70 -41.60
C LEU B 118 2.83 -7.16 -41.95
N GLY B 119 3.45 -7.97 -41.11
CA GLY B 119 4.79 -8.45 -41.36
C GLY B 119 5.14 -9.69 -40.61
N GLY B 120 6.28 -10.27 -40.93
CA GLY B 120 6.70 -11.46 -40.20
C GLY B 120 8.02 -12.01 -40.63
N PHE B 121 8.49 -13.01 -39.87
CA PHE B 121 9.71 -13.72 -40.18
C PHE B 121 9.38 -15.16 -40.46
N SER B 122 9.87 -15.69 -41.61
CA SER B 122 9.71 -17.07 -42.02
C SER B 122 8.22 -17.48 -41.97
N GLN B 123 7.84 -18.44 -41.12
CA GLN B 123 6.42 -18.87 -41.07
C GLN B 123 5.48 -17.69 -40.81
N GLY B 124 5.87 -16.77 -39.92
CA GLY B 124 5.10 -15.57 -39.62
C GLY B 124 4.97 -14.65 -40.83
N GLY B 125 6.06 -14.50 -41.60
CA GLY B 125 6.09 -13.67 -42.80
C GLY B 125 5.18 -14.23 -43.86
N ALA B 126 5.17 -15.57 -43.97
CA ALA B 126 4.32 -16.31 -44.89
C ALA B 126 2.85 -16.07 -44.56
N LEU B 127 2.47 -16.19 -43.27
CA LEU B 127 1.10 -15.91 -42.84
C LEU B 127 0.74 -14.43 -43.13
N SER B 128 1.68 -13.48 -42.86
CA SER B 128 1.35 -12.08 -43.11
CA SER B 128 1.41 -12.05 -43.12
C SER B 128 1.15 -11.83 -44.63
N LEU B 129 1.91 -12.54 -45.51
CA LEU B 129 1.75 -12.41 -46.96
C LEU B 129 0.35 -12.87 -47.38
N TYR B 130 -0.04 -14.08 -46.91
CA TYR B 130 -1.33 -14.62 -47.26
C TYR B 130 -2.47 -13.75 -46.73
N THR B 131 -2.36 -13.30 -45.47
CA THR B 131 -3.42 -12.48 -44.85
C THR B 131 -3.57 -11.15 -45.60
N ALA B 132 -2.46 -10.43 -45.81
CA ALA B 132 -2.50 -9.14 -46.49
C ALA B 132 -3.05 -9.23 -47.91
N LEU B 133 -2.69 -10.29 -48.69
CA LEU B 133 -3.19 -10.40 -50.06
C LEU B 133 -4.66 -10.80 -50.12
N THR B 134 -5.19 -11.47 -49.05
CA THR B 134 -6.59 -11.88 -49.01
C THR B 134 -7.43 -10.96 -48.06
N CYS B 135 -6.85 -9.83 -47.60
CA CYS B 135 -7.57 -8.91 -46.72
C CYS B 135 -8.57 -8.04 -47.54
N PRO B 136 -9.86 -7.94 -47.10
CA PRO B 136 -10.85 -7.16 -47.86
C PRO B 136 -10.69 -5.63 -47.70
N HIS B 137 -9.87 -5.22 -46.72
CA HIS B 137 -9.57 -3.82 -46.42
C HIS B 137 -8.21 -3.45 -47.03
N PRO B 138 -8.06 -2.32 -47.75
CA PRO B 138 -6.74 -1.99 -48.33
C PRO B 138 -5.72 -1.66 -47.22
N LEU B 139 -4.71 -2.55 -47.00
CA LEU B 139 -3.69 -2.29 -45.97
C LEU B 139 -2.55 -1.47 -46.55
N ALA B 140 -1.68 -0.91 -45.67
CA ALA B 140 -0.56 -0.06 -46.12
C ALA B 140 0.51 -0.83 -46.85
N GLY B 141 0.86 -1.99 -46.32
CA GLY B 141 1.90 -2.82 -46.90
C GLY B 141 2.24 -4.02 -46.07
N ILE B 142 3.29 -4.73 -46.51
CA ILE B 142 3.80 -5.95 -45.91
C ILE B 142 5.33 -5.95 -45.82
N VAL B 143 5.84 -6.38 -44.64
CA VAL B 143 7.27 -6.57 -44.42
CA VAL B 143 7.27 -6.58 -44.36
C VAL B 143 7.45 -8.10 -44.28
N ALA B 144 7.89 -8.75 -45.40
CA ALA B 144 8.03 -10.19 -45.47
C ALA B 144 9.48 -10.60 -45.38
N LEU B 145 9.90 -11.16 -44.22
CA LEU B 145 11.32 -11.55 -44.04
C LEU B 145 11.56 -13.04 -44.11
N SER B 146 12.53 -13.46 -44.97
CA SER B 146 12.99 -14.84 -45.11
C SER B 146 11.80 -15.83 -45.12
N CYS B 147 10.86 -15.64 -46.07
CA CYS B 147 9.62 -16.40 -46.07
C CYS B 147 9.19 -16.81 -47.51
N TRP B 148 7.94 -17.27 -47.62
CA TRP B 148 7.34 -17.77 -48.84
C TRP B 148 5.87 -17.39 -48.86
N LEU B 149 5.19 -17.57 -49.99
CA LEU B 149 3.75 -17.30 -50.09
C LEU B 149 3.01 -18.62 -49.93
N PRO B 150 2.23 -18.82 -48.84
CA PRO B 150 1.46 -20.08 -48.70
C PRO B 150 0.39 -20.21 -49.79
N LEU B 151 0.06 -21.45 -50.18
CA LEU B 151 -1.00 -21.75 -51.14
C LEU B 151 -0.76 -20.95 -52.43
N HIS B 152 0.53 -20.86 -52.87
CA HIS B 152 0.96 -20.02 -54.00
C HIS B 152 0.25 -20.33 -55.34
N ARG B 153 -0.20 -21.58 -55.57
CA ARG B 153 -0.86 -21.95 -56.84
C ARG B 153 -2.28 -21.33 -56.96
N ALA B 154 -2.87 -20.88 -55.83
CA ALA B 154 -4.20 -20.24 -55.77
C ALA B 154 -4.13 -18.77 -56.20
N PHE B 155 -2.91 -18.22 -56.32
CA PHE B 155 -2.70 -16.82 -56.66
C PHE B 155 -2.35 -16.67 -58.16
N PRO B 156 -2.69 -15.55 -58.85
CA PRO B 156 -3.25 -14.28 -58.34
C PRO B 156 -4.76 -14.25 -58.02
N GLN B 157 -5.55 -15.26 -58.49
CA GLN B 157 -7.03 -15.32 -58.30
C GLN B 157 -7.49 -15.22 -56.83
N ALA B 158 -6.73 -15.79 -55.89
CA ALA B 158 -7.09 -15.80 -54.48
C ALA B 158 -6.95 -14.42 -53.82
N ALA B 159 -6.21 -13.49 -54.44
CA ALA B 159 -6.02 -12.16 -53.86
C ALA B 159 -7.26 -11.30 -54.00
N ASN B 160 -7.53 -10.49 -52.95
CA ASN B 160 -8.66 -9.58 -52.90
C ASN B 160 -8.34 -8.34 -53.77
N GLY B 161 -9.38 -7.70 -54.29
CA GLY B 161 -9.23 -6.48 -55.09
C GLY B 161 -8.51 -5.36 -54.34
N SER B 162 -8.69 -5.30 -53.00
CA SER B 162 -8.08 -4.30 -52.13
C SER B 162 -6.53 -4.45 -52.03
N ALA B 163 -5.95 -5.57 -52.55
CA ALA B 163 -4.51 -5.85 -52.50
C ALA B 163 -3.67 -5.10 -53.55
N LYS B 164 -4.30 -4.48 -54.58
CA LYS B 164 -3.59 -3.77 -55.64
C LYS B 164 -2.58 -2.70 -55.14
N ASP B 165 -3.00 -1.78 -54.26
CA ASP B 165 -2.17 -0.67 -53.79
C ASP B 165 -1.18 -1.05 -52.65
N LEU B 166 -1.07 -2.36 -52.30
CA LEU B 166 -0.16 -2.79 -51.22
C LEU B 166 1.29 -2.51 -51.58
N ALA B 167 2.08 -2.02 -50.61
CA ALA B 167 3.53 -1.83 -50.81
C ALA B 167 4.23 -2.99 -50.12
N ILE B 168 5.14 -3.70 -50.82
CA ILE B 168 5.76 -4.87 -50.22
C ILE B 168 7.29 -4.73 -50.15
N LEU B 169 7.83 -4.98 -48.93
CA LEU B 169 9.25 -5.08 -48.67
C LEU B 169 9.52 -6.54 -48.37
N GLN B 170 10.24 -7.26 -49.21
CA GLN B 170 10.52 -8.66 -48.92
C GLN B 170 12.04 -8.83 -48.88
N CYS B 171 12.57 -9.29 -47.73
CA CYS B 171 14.03 -9.43 -47.51
C CYS B 171 14.40 -10.89 -47.34
N HIS B 172 15.62 -11.28 -47.74
CA HIS B 172 16.06 -12.68 -47.61
C HIS B 172 17.58 -12.77 -47.51
N GLY B 173 18.06 -13.74 -46.70
CA GLY B 173 19.49 -14.03 -46.58
C GLY B 173 19.92 -14.92 -47.73
N GLU B 174 21.01 -14.57 -48.45
CA GLU B 174 21.41 -15.37 -49.62
C GLU B 174 21.86 -16.81 -49.28
N LEU B 175 22.32 -17.04 -48.04
CA LEU B 175 22.82 -18.34 -47.62
C LEU B 175 21.78 -19.08 -46.73
N ASP B 176 20.49 -18.68 -46.79
CA ASP B 176 19.47 -19.32 -45.94
C ASP B 176 19.28 -20.81 -46.27
N PRO B 177 19.51 -21.71 -45.29
CA PRO B 177 19.33 -23.15 -45.56
C PRO B 177 17.93 -23.65 -45.26
N MET B 178 17.15 -22.90 -44.47
CA MET B 178 15.80 -23.30 -44.06
C MET B 178 14.78 -22.92 -45.09
N VAL B 179 14.87 -21.67 -45.59
CA VAL B 179 14.05 -21.14 -46.65
C VAL B 179 15.06 -20.67 -47.72
N PRO B 180 15.43 -21.55 -48.68
CA PRO B 180 16.41 -21.17 -49.71
C PRO B 180 16.03 -19.85 -50.36
N VAL B 181 17.03 -18.99 -50.66
CA VAL B 181 16.81 -17.66 -51.22
C VAL B 181 16.05 -17.77 -52.56
N ARG B 182 16.18 -18.92 -53.30
CA ARG B 182 15.44 -19.16 -54.54
C ARG B 182 13.94 -19.19 -54.26
N PHE B 183 13.53 -19.73 -53.10
CA PHE B 183 12.11 -19.80 -52.76
C PHE B 183 11.58 -18.40 -52.47
N GLY B 184 12.40 -17.54 -51.87
CA GLY B 184 12.09 -16.14 -51.67
C GLY B 184 11.92 -15.44 -53.02
N ALA B 185 12.80 -15.75 -54.01
CA ALA B 185 12.71 -15.15 -55.36
C ALA B 185 11.45 -15.61 -56.12
N LEU B 186 11.06 -16.89 -55.98
CA LEU B 186 9.85 -17.42 -56.63
C LEU B 186 8.60 -16.75 -56.04
N THR B 187 8.61 -16.52 -54.73
CA THR B 187 7.54 -15.84 -54.02
C THR B 187 7.46 -14.40 -54.52
N ALA B 188 8.63 -13.69 -54.65
CA ALA B 188 8.67 -12.30 -55.15
C ALA B 188 8.08 -12.19 -56.57
N GLU B 189 8.32 -13.22 -57.41
CA GLU B 189 7.78 -13.28 -58.79
C GLU B 189 6.22 -13.40 -58.72
N LYS B 190 5.69 -14.25 -57.82
CA LYS B 190 4.25 -14.44 -57.57
C LYS B 190 3.62 -13.11 -57.08
N LEU B 191 4.30 -12.39 -56.15
CA LEU B 191 3.83 -11.13 -55.58
C LEU B 191 3.74 -10.05 -56.66
N ARG B 192 4.74 -9.96 -57.55
CA ARG B 192 4.76 -9.00 -58.67
C ARG B 192 3.58 -9.21 -59.65
N SER B 193 2.98 -10.42 -59.67
CA SER B 193 1.85 -10.73 -60.56
C SER B 193 0.52 -10.45 -59.88
N VAL B 194 0.53 -10.10 -58.57
CA VAL B 194 -0.67 -9.77 -57.81
C VAL B 194 -0.72 -8.26 -57.65
N VAL B 195 0.40 -7.70 -57.19
CA VAL B 195 0.66 -6.30 -56.92
C VAL B 195 1.56 -5.80 -58.04
N THR B 196 1.66 -4.48 -58.26
CA THR B 196 2.51 -3.94 -59.32
C THR B 196 4.00 -4.22 -59.05
N PRO B 197 4.82 -4.64 -60.07
CA PRO B 197 6.25 -4.88 -59.83
C PRO B 197 7.00 -3.71 -59.15
N ALA B 198 6.59 -2.44 -59.43
CA ALA B 198 7.22 -1.26 -58.79
C ALA B 198 6.88 -1.15 -57.29
N ARG B 199 5.87 -1.91 -56.83
CA ARG B 199 5.43 -1.89 -55.42
C ARG B 199 6.11 -2.98 -54.59
N VAL B 200 6.89 -3.87 -55.24
CA VAL B 200 7.61 -4.96 -54.57
C VAL B 200 9.13 -4.68 -54.56
N GLN B 201 9.73 -4.67 -53.35
CA GLN B 201 11.16 -4.47 -53.17
C GLN B 201 11.79 -5.72 -52.57
N PHE B 202 12.31 -6.59 -53.44
CA PHE B 202 12.92 -7.85 -53.01
C PHE B 202 14.43 -7.63 -52.84
N LYS B 203 14.87 -7.55 -51.60
CA LYS B 203 16.27 -7.34 -51.24
C LYS B 203 16.87 -8.62 -50.69
N THR B 204 18.03 -9.02 -51.23
CA THR B 204 18.75 -10.20 -50.74
C THR B 204 20.07 -9.75 -50.09
N TYR B 205 20.49 -10.45 -49.04
CA TYR B 205 21.68 -10.08 -48.28
C TYR B 205 22.78 -11.17 -48.33
N PRO B 206 23.93 -10.84 -48.99
CA PRO B 206 25.06 -11.80 -49.05
C PRO B 206 25.54 -12.23 -47.66
N GLY B 207 25.85 -13.52 -47.52
CA GLY B 207 26.37 -14.06 -46.28
C GLY B 207 25.36 -14.27 -45.16
N VAL B 208 24.12 -13.78 -45.32
CA VAL B 208 23.08 -13.90 -44.28
C VAL B 208 22.33 -15.24 -44.43
N MET B 209 22.17 -15.96 -43.32
CA MET B 209 21.51 -17.25 -43.34
C MET B 209 20.04 -17.10 -42.87
N HIS B 210 19.51 -18.02 -42.03
CA HIS B 210 18.11 -17.90 -41.55
C HIS B 210 18.07 -17.00 -40.31
N SER B 211 18.16 -15.69 -40.56
CA SER B 211 18.20 -14.70 -39.50
C SER B 211 18.00 -13.32 -40.06
N SER B 212 18.01 -12.34 -39.14
CA SER B 212 17.96 -10.92 -39.48
CA SER B 212 17.97 -10.92 -39.50
C SER B 212 19.39 -10.43 -39.61
N CYS B 213 19.56 -9.15 -39.91
CA CYS B 213 20.85 -8.50 -40.02
C CYS B 213 20.63 -6.97 -39.99
N PRO B 214 21.69 -6.20 -39.61
CA PRO B 214 21.51 -4.74 -39.47
C PRO B 214 21.05 -4.07 -40.77
N GLN B 215 21.50 -4.53 -41.96
CA GLN B 215 21.03 -3.92 -43.21
C GLN B 215 19.52 -4.14 -43.42
N GLU B 216 19.02 -5.34 -43.07
CA GLU B 216 17.59 -5.66 -43.17
C GLU B 216 16.78 -4.76 -42.22
N MET B 217 17.28 -4.52 -40.99
CA MET B 217 16.56 -3.70 -40.01
C MET B 217 16.46 -2.28 -40.51
N ALA B 218 17.55 -1.77 -41.12
CA ALA B 218 17.58 -0.43 -41.71
C ALA B 218 16.57 -0.31 -42.88
N ALA B 219 16.42 -1.40 -43.64
CA ALA B 219 15.52 -1.46 -44.78
C ALA B 219 14.07 -1.35 -44.29
N VAL B 220 13.73 -2.09 -43.24
CA VAL B 220 12.39 -2.05 -42.60
C VAL B 220 12.14 -0.64 -42.08
N LYS B 221 13.12 -0.09 -41.33
CA LYS B 221 13.02 1.25 -40.75
C LYS B 221 12.74 2.32 -41.85
N GLU B 222 13.49 2.31 -42.98
CA GLU B 222 13.25 3.26 -44.08
C GLU B 222 11.89 3.07 -44.74
N PHE B 223 11.49 1.79 -45.00
CA PHE B 223 10.20 1.42 -45.61
C PHE B 223 9.01 1.92 -44.76
N LEU B 224 8.96 1.60 -43.45
CA LEU B 224 7.89 2.04 -42.55
C LEU B 224 7.84 3.58 -42.39
N GLU B 225 9.01 4.22 -42.35
CA GLU B 225 9.12 5.69 -42.21
C GLU B 225 8.41 6.37 -43.37
N LYS B 226 8.62 5.85 -44.60
CA LYS B 226 8.00 6.39 -45.81
C LYS B 226 6.50 6.04 -45.89
N LEU B 227 6.15 4.78 -45.60
CA LEU B 227 4.79 4.26 -45.69
C LEU B 227 3.84 4.81 -44.62
N LEU B 228 4.36 5.10 -43.42
CA LEU B 228 3.58 5.57 -42.29
C LEU B 228 4.07 6.96 -41.79
N PRO B 229 3.91 8.05 -42.58
CA PRO B 229 4.35 9.37 -42.10
C PRO B 229 3.49 9.86 -40.93
N PRO B 230 4.02 10.80 -40.09
CA PRO B 230 3.20 11.33 -39.00
C PRO B 230 1.99 12.07 -39.59
N VAL B 231 0.84 12.04 -38.86
CA VAL B 231 -0.46 12.63 -39.22
C VAL B 231 -0.95 12.02 -40.53
N LEU C 10 -15.63 39.72 32.40
CA LEU C 10 -15.51 38.37 31.87
C LEU C 10 -16.00 37.35 32.92
N LEU C 11 -16.94 36.47 32.50
CA LEU C 11 -17.48 35.40 33.35
C LEU C 11 -17.21 34.06 32.67
N THR C 12 -16.26 33.28 33.21
CA THR C 12 -15.91 31.99 32.60
C THR C 12 -16.25 30.83 33.50
N ASP C 13 -17.11 29.96 32.96
CA ASP C 13 -17.54 28.71 33.58
C ASP C 13 -16.66 27.63 32.97
N ALA C 14 -15.79 27.00 33.79
CA ALA C 14 -14.83 26.00 33.29
C ALA C 14 -14.32 25.02 34.35
N ALA C 15 -13.84 23.86 33.89
CA ALA C 15 -13.13 22.87 34.69
C ALA C 15 -11.66 23.14 34.40
N THR C 16 -10.88 23.58 35.41
CA THR C 16 -9.46 23.94 35.22
C THR C 16 -8.53 22.97 35.94
N VAL C 17 -7.52 22.46 35.21
CA VAL C 17 -6.48 21.60 35.77
C VAL C 17 -5.35 22.53 36.18
N SER C 18 -5.11 22.64 37.50
CA SER C 18 -4.07 23.48 38.07
C SER C 18 -2.72 22.78 38.00
N GLY C 19 -1.64 23.57 37.93
CA GLY C 19 -0.30 23.04 37.95
C GLY C 19 0.18 22.80 39.37
N ALA C 20 1.15 21.89 39.53
CA ALA C 20 1.75 21.59 40.82
C ALA C 20 2.70 22.71 41.22
N GLU C 21 3.40 23.29 40.21
CA GLU C 21 4.33 24.42 40.36
C GLU C 21 3.62 25.74 39.99
N ARG C 22 4.34 26.88 40.00
CA ARG C 22 3.80 28.19 39.60
C ARG C 22 3.45 28.16 38.11
N GLU C 23 2.18 28.47 37.78
CA GLU C 23 1.67 28.44 36.41
C GLU C 23 2.31 29.54 35.56
N THR C 24 3.09 29.12 34.54
CA THR C 24 3.80 29.98 33.59
C THR C 24 3.28 29.74 32.15
N ALA C 25 2.43 28.71 31.98
CA ALA C 25 1.86 28.39 30.66
C ALA C 25 0.42 27.96 30.85
N ALA C 26 -0.41 28.11 29.80
CA ALA C 26 -1.84 27.77 29.84
C ALA C 26 -2.31 27.15 28.55
N VAL C 27 -3.16 26.12 28.66
CA VAL C 27 -3.77 25.42 27.53
C VAL C 27 -5.27 25.67 27.64
N ILE C 28 -5.91 26.25 26.60
CA ILE C 28 -7.36 26.48 26.60
C ILE C 28 -7.94 25.43 25.66
N PHE C 29 -8.64 24.42 26.23
CA PHE C 29 -9.17 23.29 25.47
C PHE C 29 -10.68 23.31 25.44
N LEU C 30 -11.23 23.29 24.22
CA LEU C 30 -12.67 23.35 24.01
C LEU C 30 -13.21 21.98 23.62
N HIS C 31 -14.17 21.44 24.42
CA HIS C 31 -14.81 20.14 24.21
C HIS C 31 -15.65 20.11 22.92
N GLY C 32 -16.13 18.91 22.56
CA GLY C 32 -16.97 18.70 21.39
C GLY C 32 -18.44 18.93 21.67
N LEU C 33 -19.27 18.89 20.61
CA LEU C 33 -20.71 19.10 20.74
C LEU C 33 -21.36 18.20 21.80
N GLY C 34 -22.20 18.85 22.62
CA GLY C 34 -23.02 18.16 23.61
C GLY C 34 -22.34 17.78 24.90
N ASP C 35 -21.05 18.12 25.06
CA ASP C 35 -20.25 17.78 26.22
C ASP C 35 -20.12 18.99 27.16
N THR C 36 -19.39 18.79 28.25
CA THR C 36 -18.97 19.81 29.21
C THR C 36 -17.45 19.70 29.20
N GLY C 37 -16.76 20.59 29.90
CA GLY C 37 -15.30 20.56 29.97
C GLY C 37 -14.68 19.50 30.86
N HIS C 38 -15.52 18.79 31.65
CA HIS C 38 -15.17 17.76 32.63
C HIS C 38 -14.34 16.59 32.14
N SER C 39 -14.80 15.82 31.13
CA SER C 39 -14.08 14.63 30.67
C SER C 39 -12.71 14.97 30.07
N TRP C 40 -12.61 16.09 29.31
CA TRP C 40 -11.32 16.49 28.73
C TRP C 40 -10.36 17.05 29.79
N ALA C 41 -10.89 17.64 30.88
CA ALA C 41 -10.04 18.11 31.99
C ALA C 41 -9.34 16.89 32.61
N ASP C 42 -10.08 15.76 32.78
CA ASP C 42 -9.58 14.51 33.35
C ASP C 42 -8.49 13.88 32.47
N ALA C 43 -8.66 13.93 31.12
CA ALA C 43 -7.70 13.42 30.13
C ALA C 43 -6.40 14.20 30.17
N LEU C 44 -6.49 15.54 30.15
CA LEU C 44 -5.34 16.45 30.17
C LEU C 44 -4.60 16.39 31.51
N SER C 45 -5.29 15.99 32.60
CA SER C 45 -4.68 15.80 33.93
C SER C 45 -3.74 14.57 33.92
N THR C 46 -4.06 13.57 33.08
CA THR C 46 -3.28 12.34 32.95
C THR C 46 -1.94 12.61 32.17
N ILE C 47 -1.82 13.76 31.48
CA ILE C 47 -0.61 14.14 30.73
C ILE C 47 -0.10 15.56 31.15
N ARG C 48 -0.67 16.11 32.24
CA ARG C 48 -0.37 17.45 32.75
C ARG C 48 1.12 17.66 33.09
N LEU C 49 1.57 18.93 32.93
CA LEU C 49 2.92 19.38 33.28
C LEU C 49 2.86 20.26 34.54
N PRO C 50 3.90 20.21 35.43
CA PRO C 50 3.84 21.01 36.67
C PRO C 50 3.62 22.52 36.52
N HIS C 51 4.05 23.11 35.40
CA HIS C 51 3.95 24.57 35.16
C HIS C 51 2.79 24.97 34.19
N VAL C 52 2.04 23.99 33.67
CA VAL C 52 0.97 24.29 32.71
C VAL C 52 -0.42 24.13 33.36
N LYS C 53 -1.28 25.14 33.12
CA LYS C 53 -2.70 25.24 33.49
C LYS C 53 -3.51 24.71 32.30
N TYR C 54 -4.63 24.01 32.55
CA TYR C 54 -5.46 23.49 31.48
C TYR C 54 -6.88 23.96 31.73
N ILE C 55 -7.31 25.02 31.01
CA ILE C 55 -8.65 25.59 31.17
C ILE C 55 -9.60 24.93 30.17
N CYS C 56 -10.62 24.20 30.69
CA CYS C 56 -11.62 23.58 29.81
C CYS C 56 -13.00 24.24 30.02
N PRO C 57 -13.30 25.32 29.28
CA PRO C 57 -14.61 25.97 29.48
C PRO C 57 -15.76 25.11 29.00
N HIS C 58 -16.92 25.30 29.62
CA HIS C 58 -18.16 24.60 29.33
C HIS C 58 -18.91 25.43 28.30
N ALA C 59 -19.25 24.83 27.13
CA ALA C 59 -19.98 25.54 26.07
C ALA C 59 -21.36 25.98 26.54
N PRO C 60 -21.84 27.17 26.11
CA PRO C 60 -23.20 27.57 26.48
C PRO C 60 -24.24 26.67 25.79
N ARG C 61 -25.44 26.61 26.36
CA ARG C 61 -26.50 25.80 25.79
C ARG C 61 -27.31 26.65 24.81
N ILE C 62 -27.40 26.19 23.55
CA ILE C 62 -28.09 26.88 22.45
C ILE C 62 -28.86 25.84 21.59
N PRO C 63 -29.93 26.23 20.84
CA PRO C 63 -30.60 25.23 19.98
C PRO C 63 -29.70 24.89 18.78
N VAL C 64 -29.61 23.60 18.43
CA VAL C 64 -28.76 23.20 17.32
C VAL C 64 -29.65 22.72 16.17
N THR C 65 -29.68 23.52 15.07
CA THR C 65 -30.49 23.30 13.86
C THR C 65 -30.45 21.83 13.42
N LEU C 66 -29.25 21.26 13.29
CA LEU C 66 -29.05 19.88 12.82
C LEU C 66 -29.69 18.83 13.74
N ASN C 67 -29.67 19.04 15.07
CA ASN C 67 -30.25 18.14 16.05
C ASN C 67 -31.74 18.48 16.31
N MET C 68 -32.55 18.58 15.24
CA MET C 68 -34.00 18.85 15.26
C MET C 68 -34.36 20.12 16.11
N LYS C 69 -33.45 21.14 16.10
CA LYS C 69 -33.56 22.43 16.82
C LYS C 69 -33.55 22.25 18.36
N MET C 70 -32.98 21.14 18.87
CA MET C 70 -32.89 20.86 20.31
C MET C 70 -31.73 21.61 20.98
N VAL C 71 -32.01 22.16 22.19
CA VAL C 71 -31.06 22.91 23.03
C VAL C 71 -30.07 21.92 23.63
N MET C 72 -28.76 22.19 23.43
CA MET C 72 -27.66 21.38 23.95
C MET C 72 -26.37 22.22 24.01
N PRO C 73 -25.35 21.77 24.79
CA PRO C 73 -24.07 22.50 24.83
C PRO C 73 -23.43 22.49 23.45
N SER C 74 -23.15 23.69 22.91
CA SER C 74 -22.60 23.87 21.56
C SER C 74 -21.91 25.21 21.43
N TRP C 75 -20.72 25.23 20.80
CA TRP C 75 -19.94 26.45 20.63
C TRP C 75 -20.55 27.44 19.62
N PHE C 76 -21.33 26.89 18.66
CA PHE C 76 -22.03 27.59 17.55
C PHE C 76 -23.03 26.65 16.90
N ASP C 77 -23.95 27.20 16.07
CA ASP C 77 -24.94 26.39 15.38
C ASP C 77 -24.31 25.53 14.28
N LEU C 78 -24.93 24.36 14.00
CA LEU C 78 -24.48 23.41 12.98
C LEU C 78 -25.67 23.03 12.12
N MET C 79 -25.43 22.95 10.81
CA MET C 79 -26.48 22.67 9.82
C MET C 79 -26.21 21.47 8.91
N GLY C 80 -24.96 21.20 8.57
CA GLY C 80 -24.66 20.07 7.68
C GLY C 80 -23.36 19.36 7.99
N LEU C 81 -23.17 18.17 7.35
CA LEU C 81 -22.02 17.28 7.52
C LEU C 81 -20.96 17.38 6.40
N SER C 82 -21.35 17.83 5.19
CA SER C 82 -20.43 17.96 4.04
C SER C 82 -19.52 19.20 4.22
N PRO C 83 -18.33 19.31 3.55
CA PRO C 83 -17.50 20.51 3.74
C PRO C 83 -18.09 21.78 3.11
N ASP C 84 -19.04 21.63 2.17
CA ASP C 84 -19.67 22.76 1.48
C ASP C 84 -21.00 23.19 2.13
N ALA C 85 -21.30 22.64 3.33
CA ALA C 85 -22.52 22.95 4.08
C ALA C 85 -22.50 24.36 4.67
N PRO C 86 -23.67 25.04 4.82
CA PRO C 86 -23.64 26.37 5.44
C PRO C 86 -23.21 26.30 6.91
N GLU C 87 -22.35 27.24 7.31
CA GLU C 87 -21.86 27.34 8.68
C GLU C 87 -22.34 28.63 9.29
N ASP C 88 -22.55 28.62 10.61
CA ASP C 88 -22.96 29.77 11.40
C ASP C 88 -21.78 30.74 11.51
N GLU C 89 -21.61 31.62 10.51
CA GLU C 89 -20.50 32.57 10.49
C GLU C 89 -20.55 33.55 11.68
N ALA C 90 -21.75 34.10 12.00
CA ALA C 90 -21.90 35.04 13.11
C ALA C 90 -21.56 34.40 14.45
N GLY C 91 -21.95 33.13 14.62
CA GLY C 91 -21.70 32.34 15.82
C GLY C 91 -20.26 31.90 16.02
N ILE C 92 -19.54 31.59 14.92
CA ILE C 92 -18.13 31.17 14.99
C ILE C 92 -17.28 32.38 15.46
N LYS C 93 -17.44 33.54 14.80
CA LYS C 93 -16.73 34.78 15.09
C LYS C 93 -17.04 35.30 16.51
N LYS C 94 -18.32 35.17 16.95
CA LYS C 94 -18.78 35.55 18.29
C LYS C 94 -18.07 34.71 19.36
N ALA C 95 -18.05 33.38 19.16
CA ALA C 95 -17.39 32.40 20.04
C ALA C 95 -15.88 32.63 20.03
N ALA C 96 -15.32 33.01 18.87
CA ALA C 96 -13.91 33.35 18.73
C ALA C 96 -13.58 34.61 19.56
N GLU C 97 -14.48 35.63 19.53
CA GLU C 97 -14.33 36.88 20.30
C GLU C 97 -14.36 36.60 21.82
N ASN C 98 -15.12 35.58 22.27
CA ASN C 98 -15.17 35.20 23.68
C ASN C 98 -13.87 34.49 24.08
N ILE C 99 -13.37 33.55 23.23
CA ILE C 99 -12.12 32.82 23.50
C ILE C 99 -10.92 33.80 23.41
N LYS C 100 -10.99 34.81 22.51
CA LYS C 100 -9.97 35.85 22.40
C LYS C 100 -9.95 36.72 23.67
N ALA C 101 -11.14 36.87 24.35
CA ALA C 101 -11.22 37.64 25.59
C ALA C 101 -10.54 36.90 26.73
N LEU C 102 -10.62 35.55 26.71
CA LEU C 102 -10.00 34.64 27.68
C LEU C 102 -8.47 34.62 27.51
N ILE C 103 -7.97 34.71 26.25
CA ILE C 103 -6.53 34.76 25.96
C ILE C 103 -5.98 36.05 26.56
N GLU C 104 -6.65 37.19 26.27
CA GLU C 104 -6.31 38.54 26.72
C GLU C 104 -6.36 38.68 28.25
N HIS C 105 -7.18 37.85 28.93
CA HIS C 105 -7.30 37.86 30.38
C HIS C 105 -6.04 37.25 31.03
N GLU C 106 -5.63 36.04 30.59
CA GLU C 106 -4.44 35.33 31.07
C GLU C 106 -3.19 36.19 30.88
N MET C 107 -3.16 36.97 29.77
CA MET C 107 -2.11 37.91 29.37
C MET C 107 -2.06 39.11 30.30
N LYS C 108 -3.23 39.54 30.82
CA LYS C 108 -3.34 40.67 31.74
C LYS C 108 -2.96 40.24 33.15
N ASN C 109 -2.80 38.91 33.38
CA ASN C 109 -2.45 38.34 34.68
C ASN C 109 -1.09 37.59 34.67
N GLY C 110 -0.22 37.94 33.72
CA GLY C 110 1.13 37.40 33.68
C GLY C 110 1.50 36.32 32.68
N ILE C 111 0.52 35.62 32.07
CA ILE C 111 0.85 34.58 31.10
C ILE C 111 0.85 35.21 29.70
N PRO C 112 2.00 35.33 29.00
CA PRO C 112 1.98 35.93 27.66
C PRO C 112 1.44 34.98 26.60
N ALA C 113 0.99 35.55 25.47
CA ALA C 113 0.41 34.85 24.31
C ALA C 113 1.30 33.71 23.78
N ASN C 114 2.63 33.89 23.77
CA ASN C 114 3.56 32.87 23.28
C ASN C 114 3.76 31.74 24.29
N ARG C 115 2.96 31.73 25.38
CA ARG C 115 2.95 30.68 26.41
C ARG C 115 1.53 30.09 26.54
N ILE C 116 0.60 30.49 25.66
CA ILE C 116 -0.79 30.03 25.60
C ILE C 116 -0.99 29.13 24.37
N VAL C 117 -1.59 27.94 24.60
CA VAL C 117 -1.93 26.99 23.53
C VAL C 117 -3.44 26.85 23.52
N LEU C 118 -4.04 26.95 22.33
CA LEU C 118 -5.47 26.77 22.13
C LEU C 118 -5.69 25.37 21.56
N GLY C 119 -6.74 24.71 22.02
CA GLY C 119 -7.01 23.36 21.53
C GLY C 119 -8.42 22.90 21.68
N GLY C 120 -8.68 21.71 21.16
CA GLY C 120 -10.02 21.15 21.27
C GLY C 120 -10.30 19.88 20.50
N PHE C 121 -11.49 19.35 20.72
CA PHE C 121 -11.97 18.14 20.09
C PHE C 121 -13.16 18.48 19.20
N SER C 122 -13.18 17.94 17.98
CA SER C 122 -14.28 18.11 17.01
C SER C 122 -14.74 19.58 16.92
N GLN C 123 -16.03 19.90 17.25
CA GLN C 123 -16.51 21.29 17.18
C GLN C 123 -15.61 22.25 17.97
N GLY C 124 -15.16 21.86 19.17
CA GLY C 124 -14.24 22.69 19.97
C GLY C 124 -12.88 22.92 19.34
N GLY C 125 -12.37 21.89 18.68
CA GLY C 125 -11.10 21.90 17.95
C GLY C 125 -11.22 22.79 16.73
N ALA C 126 -12.39 22.70 16.05
CA ALA C 126 -12.72 23.55 14.92
C ALA C 126 -12.69 25.00 15.36
N LEU C 127 -13.37 25.33 16.49
CA LEU C 127 -13.36 26.70 17.03
C LEU C 127 -11.93 27.16 17.39
N SER C 128 -11.10 26.30 18.07
CA SER C 128 -9.73 26.66 18.45
CA SER C 128 -9.73 26.64 18.46
C SER C 128 -8.86 26.99 17.24
N LEU C 129 -9.04 26.28 16.12
CA LEU C 129 -8.30 26.51 14.86
C LEU C 129 -8.58 27.91 14.30
N TYR C 130 -9.87 28.29 14.20
CA TYR C 130 -10.33 29.57 13.67
C TYR C 130 -9.90 30.73 14.57
N THR C 131 -10.14 30.61 15.89
CA THR C 131 -9.82 31.63 16.90
C THR C 131 -8.32 31.94 16.93
N ALA C 132 -7.47 30.91 16.83
CA ALA C 132 -6.02 31.06 16.88
C ALA C 132 -5.44 31.64 15.59
N LEU C 133 -6.00 31.26 14.42
CA LEU C 133 -5.52 31.77 13.12
C LEU C 133 -5.92 33.23 12.88
N THR C 134 -6.93 33.74 13.67
CA THR C 134 -7.44 35.12 13.61
C THR C 134 -7.10 35.92 14.90
N CYS C 135 -6.23 35.37 15.77
CA CYS C 135 -5.83 36.00 17.03
C CYS C 135 -4.84 37.16 16.75
N PRO C 136 -5.04 38.36 17.36
CA PRO C 136 -4.10 39.47 17.14
C PRO C 136 -2.81 39.34 17.96
N HIS C 137 -2.67 38.25 18.74
CA HIS C 137 -1.52 37.98 19.60
C HIS C 137 -0.72 36.74 19.13
N PRO C 138 0.60 36.67 19.38
CA PRO C 138 1.36 35.50 18.90
C PRO C 138 1.27 34.31 19.84
N LEU C 139 0.30 33.40 19.58
CA LEU C 139 0.08 32.19 20.38
C LEU C 139 1.18 31.15 20.15
N ALA C 140 1.40 30.28 21.17
CA ALA C 140 2.42 29.24 21.15
C ALA C 140 2.07 28.14 20.14
N GLY C 141 0.81 27.69 20.16
CA GLY C 141 0.34 26.65 19.24
C GLY C 141 -1.13 26.28 19.30
N ILE C 142 -1.49 25.23 18.53
CA ILE C 142 -2.86 24.71 18.42
C ILE C 142 -2.86 23.17 18.50
N VAL C 143 -3.71 22.59 19.38
CA VAL C 143 -3.88 21.14 19.45
C VAL C 143 -5.29 20.87 18.88
N ALA C 144 -5.37 20.51 17.60
CA ALA C 144 -6.61 20.29 16.88
C ALA C 144 -6.88 18.81 16.77
N LEU C 145 -7.91 18.32 17.48
CA LEU C 145 -8.24 16.91 17.57
C LEU C 145 -9.55 16.59 16.86
N SER C 146 -9.49 15.63 15.90
CA SER C 146 -10.62 15.12 15.11
C SER C 146 -11.55 16.26 14.67
N CYS C 147 -11.01 17.25 13.92
CA CYS C 147 -11.86 18.38 13.57
C CYS C 147 -11.67 18.83 12.12
N TRP C 148 -12.12 20.06 11.85
CA TRP C 148 -12.11 20.71 10.54
C TRP C 148 -11.84 22.20 10.75
N LEU C 149 -11.63 22.96 9.67
CA LEU C 149 -11.40 24.39 9.79
C LEU C 149 -12.69 25.12 9.42
N PRO C 150 -13.25 25.94 10.32
CA PRO C 150 -14.49 26.65 9.98
C PRO C 150 -14.20 27.84 9.08
N LEU C 151 -15.14 28.14 8.16
CA LEU C 151 -15.06 29.24 7.18
C LEU C 151 -13.68 29.17 6.48
N HIS C 152 -13.34 27.95 6.00
CA HIS C 152 -12.08 27.57 5.37
C HIS C 152 -11.83 28.33 4.06
N ARG C 153 -12.91 28.64 3.30
CA ARG C 153 -12.84 29.36 2.01
C ARG C 153 -12.16 30.73 2.13
N ALA C 154 -12.31 31.41 3.29
CA ALA C 154 -11.69 32.71 3.57
C ALA C 154 -10.16 32.59 3.64
N PHE C 155 -9.65 31.52 4.30
CA PHE C 155 -8.22 31.24 4.45
C PHE C 155 -7.58 30.88 3.10
N PRO C 156 -6.31 31.25 2.80
CA PRO C 156 -5.27 31.91 3.65
C PRO C 156 -5.60 33.29 4.22
N GLN C 157 -6.47 34.10 3.57
CA GLN C 157 -6.84 35.43 4.07
C GLN C 157 -7.54 35.30 5.42
N ALA C 158 -7.18 36.17 6.39
CA ALA C 158 -7.65 36.20 7.78
C ALA C 158 -7.17 34.97 8.54
N ASN C 160 -5.13 37.78 9.55
CA ASN C 160 -4.00 37.64 10.45
C ASN C 160 -3.01 36.57 9.94
N GLY C 161 -1.73 36.91 9.79
CA GLY C 161 -1.17 38.23 10.03
C GLY C 161 -0.32 38.34 11.28
N SER C 162 -0.97 38.27 12.47
CA SER C 162 -0.31 38.38 13.77
C SER C 162 0.17 37.03 14.33
N ALA C 163 -0.27 35.93 13.70
CA ALA C 163 0.11 34.56 14.07
C ALA C 163 0.51 33.83 12.79
N LYS C 164 1.79 34.01 12.38
CA LYS C 164 2.33 33.46 11.13
C LYS C 164 2.99 32.09 11.27
N ASP C 165 3.82 31.90 12.31
CA ASP C 165 4.54 30.64 12.49
C ASP C 165 4.13 29.94 13.78
N LEU C 166 2.86 29.52 13.80
CA LEU C 166 2.26 28.77 14.90
C LEU C 166 2.72 27.32 14.83
N ALA C 167 2.73 26.62 15.96
CA ALA C 167 3.04 25.20 15.96
C ALA C 167 1.69 24.45 16.05
N ILE C 168 1.32 23.68 15.00
CA ILE C 168 0.04 22.97 15.02
C ILE C 168 0.26 21.48 15.01
N LEU C 169 -0.43 20.81 15.96
CA LEU C 169 -0.56 19.37 16.12
C LEU C 169 -2.01 19.03 15.79
N GLN C 170 -2.21 18.25 14.72
CA GLN C 170 -3.54 17.87 14.32
C GLN C 170 -3.64 16.35 14.28
N CYS C 171 -4.47 15.78 15.15
CA CYS C 171 -4.65 14.35 15.25
C CYS C 171 -6.03 13.98 14.74
N HIS C 172 -6.15 12.75 14.20
CA HIS C 172 -7.42 12.26 13.66
C HIS C 172 -7.49 10.74 13.67
N GLY C 173 -8.65 10.21 14.02
CA GLY C 173 -8.91 8.77 13.98
C GLY C 173 -9.24 8.39 12.55
N GLU C 174 -8.57 7.37 11.98
CA GLU C 174 -8.77 7.00 10.56
C GLU C 174 -10.16 6.38 10.24
N LEU C 175 -10.92 5.94 11.28
CA LEU C 175 -12.22 5.28 11.17
C LEU C 175 -13.36 6.16 11.71
N ASP C 176 -13.07 7.47 11.86
CA ASP C 176 -14.02 8.47 12.38
C ASP C 176 -15.18 8.64 11.38
N PRO C 177 -16.41 8.24 11.76
CA PRO C 177 -17.53 8.40 10.82
C PRO C 177 -18.30 9.73 11.02
N MET C 178 -17.97 10.51 12.07
CA MET C 178 -18.59 11.79 12.43
C MET C 178 -17.90 12.94 11.71
N VAL C 179 -16.56 12.93 11.73
CA VAL C 179 -15.65 13.84 11.05
C VAL C 179 -14.70 12.92 10.25
N PRO C 180 -15.06 12.57 9.00
CA PRO C 180 -14.17 11.69 8.22
C PRO C 180 -12.74 12.22 8.18
N VAL C 181 -11.75 11.33 8.26
CA VAL C 181 -10.34 11.69 8.29
C VAL C 181 -9.94 12.52 7.03
N ARG C 182 -10.65 12.30 5.87
CA ARG C 182 -10.46 13.04 4.61
C ARG C 182 -10.76 14.53 4.81
N PHE C 183 -11.71 14.84 5.72
CA PHE C 183 -12.05 16.21 6.07
C PHE C 183 -10.93 16.79 6.89
N GLY C 184 -10.36 15.97 7.78
CA GLY C 184 -9.19 16.31 8.58
C GLY C 184 -7.98 16.58 7.71
N ALA C 185 -7.78 15.75 6.67
CA ALA C 185 -6.68 15.87 5.70
C ALA C 185 -6.83 17.10 4.80
N LEU C 186 -8.08 17.50 4.48
CA LEU C 186 -8.40 18.70 3.70
C LEU C 186 -8.09 19.95 4.53
N THR C 187 -8.30 19.86 5.85
CA THR C 187 -8.01 20.92 6.80
C THR C 187 -6.52 21.05 6.99
N ALA C 188 -5.79 19.92 7.08
CA ALA C 188 -4.33 19.93 7.21
C ALA C 188 -3.72 20.68 6.03
N GLU C 189 -4.13 20.32 4.79
CA GLU C 189 -3.74 20.94 3.53
C GLU C 189 -4.05 22.45 3.56
N LYS C 190 -5.22 22.83 4.15
CA LYS C 190 -5.66 24.21 4.29
C LYS C 190 -4.80 24.98 5.30
N LEU C 191 -4.40 24.35 6.42
CA LEU C 191 -3.56 24.95 7.46
C LEU C 191 -2.13 25.18 6.94
N ARG C 192 -1.67 24.28 6.05
CA ARG C 192 -0.35 24.29 5.42
C ARG C 192 -0.13 25.52 4.50
N SER C 193 -1.20 26.26 4.15
CA SER C 193 -1.08 27.46 3.32
C SER C 193 -0.83 28.71 4.19
N VAL C 194 -1.51 28.78 5.36
CA VAL C 194 -1.38 29.91 6.31
C VAL C 194 -0.03 29.81 7.05
N VAL C 195 0.26 28.64 7.65
CA VAL C 195 1.48 28.37 8.41
C VAL C 195 2.36 27.42 7.59
N THR C 196 3.71 27.56 7.72
CA THR C 196 4.72 26.73 7.04
C THR C 196 4.39 25.24 7.19
N PRO C 197 4.40 24.43 6.10
CA PRO C 197 4.02 23.01 6.19
C PRO C 197 4.75 22.20 7.27
N ALA C 198 6.04 22.51 7.54
CA ALA C 198 6.87 21.83 8.54
C ALA C 198 6.34 22.03 9.97
N ARG C 199 5.71 23.18 10.25
CA ARG C 199 5.16 23.50 11.59
C ARG C 199 3.78 22.84 11.81
N VAL C 200 3.22 22.17 10.78
CA VAL C 200 1.92 21.50 10.90
C VAL C 200 2.16 19.97 10.91
N GLN C 201 1.87 19.33 12.05
CA GLN C 201 2.01 17.89 12.22
C GLN C 201 0.63 17.23 12.21
N PHE C 202 0.27 16.62 11.08
CA PHE C 202 -1.00 15.91 10.94
C PHE C 202 -0.74 14.42 11.15
N LYS C 203 -1.21 13.88 12.29
CA LYS C 203 -1.00 12.47 12.66
C LYS C 203 -2.32 11.73 12.72
N THR C 204 -2.43 10.59 12.03
CA THR C 204 -3.67 9.81 12.04
C THR C 204 -3.44 8.47 12.75
N TYR C 205 -4.50 7.96 13.37
CA TYR C 205 -4.52 6.74 14.19
C TYR C 205 -5.39 5.61 13.64
N PRO C 206 -4.75 4.46 13.30
CA PRO C 206 -5.51 3.31 12.78
C PRO C 206 -6.50 2.72 13.78
N GLY C 207 -7.68 2.39 13.28
CA GLY C 207 -8.78 1.79 14.03
C GLY C 207 -9.45 2.71 15.03
N VAL C 208 -9.10 4.01 15.03
CA VAL C 208 -9.67 4.98 15.97
C VAL C 208 -10.85 5.68 15.29
N MET C 209 -12.01 5.76 15.99
CA MET C 209 -13.20 6.37 15.44
C MET C 209 -13.34 7.82 15.98
N HIS C 210 -14.55 8.29 16.36
CA HIS C 210 -14.72 9.65 16.88
C HIS C 210 -14.40 9.68 18.39
N SER C 211 -13.09 9.66 18.72
CA SER C 211 -12.59 9.64 20.10
C SER C 211 -11.09 9.93 20.17
N SER C 212 -10.56 9.86 21.41
CA SER C 212 -9.14 9.99 21.71
CA SER C 212 -9.14 9.98 21.69
C SER C 212 -8.57 8.56 21.81
N CYS C 213 -7.28 8.45 22.09
CA CYS C 213 -6.61 7.18 22.25
C CYS C 213 -5.33 7.44 22.99
N PRO C 214 -4.73 6.45 23.72
CA PRO C 214 -3.47 6.75 24.44
C PRO C 214 -2.37 7.31 23.54
N GLN C 215 -2.26 6.78 22.30
CA GLN C 215 -1.31 7.24 21.29
C GLN C 215 -1.47 8.75 21.01
N GLU C 216 -2.73 9.23 20.80
CA GLU C 216 -3.01 10.66 20.57
C GLU C 216 -2.61 11.51 21.81
N MET C 217 -3.00 11.09 23.02
CA MET C 217 -2.68 11.80 24.29
C MET C 217 -1.18 11.93 24.48
N ALA C 218 -0.41 10.89 24.08
CA ALA C 218 1.05 10.84 24.12
C ALA C 218 1.64 11.84 23.12
N ALA C 219 1.05 11.97 21.89
CA ALA C 219 1.48 12.96 20.88
C ALA C 219 1.17 14.39 21.37
N VAL C 220 0.04 14.57 22.11
CA VAL C 220 -0.31 15.87 22.72
C VAL C 220 0.71 16.21 23.82
N LYS C 221 1.01 15.21 24.70
CA LYS C 221 2.00 15.37 25.79
C LYS C 221 3.38 15.76 25.23
N GLU C 222 3.85 15.08 24.15
CA GLU C 222 5.16 15.32 23.52
C GLU C 222 5.26 16.68 22.81
N PHE C 223 4.14 17.19 22.28
CA PHE C 223 4.03 18.46 21.57
C PHE C 223 4.05 19.63 22.55
N LEU C 224 3.39 19.49 23.71
CA LEU C 224 3.32 20.54 24.71
C LEU C 224 4.57 20.58 25.58
N GLU C 225 5.28 19.42 25.73
CA GLU C 225 6.51 19.33 26.53
C GLU C 225 7.63 20.09 25.83
N LYS C 226 7.64 20.04 24.49
CA LYS C 226 8.61 20.69 23.61
C LYS C 226 8.22 22.16 23.37
N LEU C 227 6.92 22.43 23.10
CA LEU C 227 6.39 23.78 22.82
C LEU C 227 6.36 24.66 24.08
N LEU C 228 6.05 24.07 25.27
CA LEU C 228 6.01 24.82 26.52
C LEU C 228 7.03 24.22 27.52
N PRO C 229 8.34 24.55 27.39
CA PRO C 229 9.33 24.00 28.34
C PRO C 229 9.27 24.72 29.71
N PRO C 230 9.89 24.19 30.79
CA PRO C 230 9.83 24.90 32.09
C PRO C 230 10.57 26.24 32.04
N VAL C 231 9.85 27.34 32.35
CA VAL C 231 10.30 28.74 32.36
C VAL C 231 10.82 29.11 30.96
N LEU D 10 8.21 -16.77 51.42
CA LEU D 10 8.32 -15.77 50.37
C LEU D 10 8.24 -14.38 50.99
N LEU D 11 9.27 -13.55 50.76
CA LEU D 11 9.34 -12.20 51.31
C LEU D 11 9.61 -11.24 50.16
N THR D 12 8.67 -10.33 49.87
CA THR D 12 8.76 -9.42 48.72
C THR D 12 8.87 -7.95 49.10
N ASP D 13 9.97 -7.27 48.67
CA ASP D 13 10.18 -5.83 48.84
C ASP D 13 9.80 -5.17 47.54
N ALA D 14 8.72 -4.36 47.53
CA ALA D 14 8.21 -3.79 46.28
C ALA D 14 7.38 -2.54 46.45
N ALA D 15 7.37 -1.70 45.40
CA ALA D 15 6.44 -0.59 45.28
C ALA D 15 5.28 -1.11 44.43
N THR D 16 4.07 -1.19 45.00
CA THR D 16 2.90 -1.74 44.28
C THR D 16 1.84 -0.66 44.03
N VAL D 17 1.37 -0.56 42.77
CA VAL D 17 0.25 0.30 42.38
C VAL D 17 -0.99 -0.58 42.50
N SER D 18 -1.90 -0.21 43.41
CA SER D 18 -3.12 -0.94 43.67
C SER D 18 -4.24 -0.49 42.72
N GLY D 19 -5.19 -1.39 42.49
CA GLY D 19 -6.34 -1.11 41.64
C GLY D 19 -7.39 -0.29 42.35
N ALA D 20 -8.14 0.53 41.60
CA ALA D 20 -9.25 1.32 42.15
C ALA D 20 -10.44 0.40 42.46
N GLU D 21 -10.54 -0.71 41.68
CA GLU D 21 -11.55 -1.77 41.80
C GLU D 21 -10.83 -3.07 42.19
N ARG D 22 -11.59 -4.14 42.56
CA ARG D 22 -11.03 -5.46 42.91
C ARG D 22 -10.07 -5.95 41.81
N GLU D 23 -8.84 -6.38 42.20
CA GLU D 23 -7.80 -6.82 41.25
C GLU D 23 -8.13 -8.19 40.61
N THR D 24 -8.18 -8.21 39.26
CA THR D 24 -8.47 -9.42 38.48
C THR D 24 -7.29 -9.75 37.54
N ALA D 25 -6.31 -8.84 37.46
CA ALA D 25 -5.10 -8.96 36.65
C ALA D 25 -3.91 -8.34 37.37
N ALA D 26 -2.68 -8.71 36.97
CA ALA D 26 -1.47 -8.21 37.61
C ALA D 26 -0.35 -8.08 36.64
N VAL D 27 0.48 -7.07 36.85
CA VAL D 27 1.68 -6.82 36.06
C VAL D 27 2.85 -6.84 37.06
N ILE D 28 3.88 -7.68 36.82
CA ILE D 28 5.09 -7.74 37.65
C ILE D 28 6.17 -7.04 36.82
N PHE D 29 6.53 -5.81 37.19
CA PHE D 29 7.47 -5.03 36.38
C PHE D 29 8.84 -4.92 37.07
N LEU D 30 9.91 -5.16 36.30
CA LEU D 30 11.26 -5.20 36.85
C LEU D 30 12.13 -4.05 36.34
N HIS D 31 12.63 -3.22 37.27
CA HIS D 31 13.45 -2.03 37.00
C HIS D 31 14.82 -2.40 36.43
N GLY D 32 15.53 -1.40 35.92
CA GLY D 32 16.86 -1.58 35.38
C GLY D 32 17.95 -1.61 36.43
N LEU D 33 19.18 -1.89 35.99
CA LEU D 33 20.36 -1.96 36.86
C LEU D 33 20.52 -0.68 37.70
N GLY D 34 20.72 -0.86 39.01
CA GLY D 34 21.01 0.21 39.95
C GLY D 34 19.84 1.01 40.50
N ASP D 35 18.65 0.74 39.97
CA ASP D 35 17.42 1.43 40.32
C ASP D 35 16.67 0.69 41.44
N THR D 36 15.55 1.26 41.84
CA THR D 36 14.57 0.69 42.76
C THR D 36 13.27 0.62 41.94
N GLY D 37 12.20 0.07 42.49
CA GLY D 37 10.94 -0.02 41.74
C GLY D 37 10.09 1.23 41.76
N HIS D 38 10.46 2.24 42.62
CA HIS D 38 9.71 3.48 42.85
CA HIS D 38 9.71 3.48 42.85
C HIS D 38 9.34 4.26 41.57
N SER D 39 10.32 4.64 40.73
CA SER D 39 10.02 5.45 39.54
C SER D 39 9.14 4.71 38.51
N TRP D 40 9.33 3.41 38.32
CA TRP D 40 8.51 2.66 37.37
C TRP D 40 7.11 2.47 37.93
N ALA D 41 6.99 2.34 39.25
CA ALA D 41 5.69 2.26 39.91
C ALA D 41 4.91 3.57 39.67
N ASP D 42 5.60 4.73 39.81
CA ASP D 42 5.07 6.07 39.53
C ASP D 42 4.65 6.20 38.04
N ALA D 43 5.45 5.64 37.13
CA ALA D 43 5.21 5.71 35.69
C ALA D 43 4.02 4.86 35.28
N LEU D 44 3.91 3.63 35.84
CA LEU D 44 2.83 2.70 35.51
C LEU D 44 1.49 3.17 36.10
N SER D 45 1.56 4.03 37.15
CA SER D 45 0.38 4.64 37.77
C SER D 45 -0.26 5.63 36.79
N THR D 46 0.54 6.33 35.95
CA THR D 46 0.04 7.31 34.94
C THR D 46 -0.78 6.64 33.81
N ILE D 47 -0.67 5.31 33.67
CA ILE D 47 -1.37 4.53 32.64
C ILE D 47 -2.16 3.36 33.25
N ARG D 48 -2.34 3.35 34.59
CA ARG D 48 -2.97 2.29 35.35
C ARG D 48 -4.43 1.98 34.92
N LEU D 49 -4.76 0.69 34.97
CA LEU D 49 -6.11 0.18 34.70
C LEU D 49 -6.79 -0.02 36.07
N PRO D 50 -8.12 0.21 36.22
CA PRO D 50 -8.73 0.15 37.56
C PRO D 50 -8.72 -1.22 38.25
N HIS D 51 -8.68 -2.32 37.49
CA HIS D 51 -8.74 -3.72 37.96
C HIS D 51 -7.37 -4.43 37.92
N VAL D 52 -6.28 -3.70 37.69
CA VAL D 52 -4.95 -4.30 37.59
C VAL D 52 -4.00 -3.75 38.64
N LYS D 53 -3.28 -4.64 39.36
CA LYS D 53 -2.23 -4.22 40.30
C LYS D 53 -0.89 -4.25 39.55
N TYR D 54 0.01 -3.32 39.87
CA TYR D 54 1.33 -3.25 39.22
C TYR D 54 2.40 -3.43 40.31
N ILE D 55 3.03 -4.62 40.35
CA ILE D 55 4.03 -4.96 41.35
C ILE D 55 5.42 -4.66 40.80
N CYS D 56 6.15 -3.75 41.47
CA CYS D 56 7.49 -3.36 41.04
C CYS D 56 8.51 -3.76 42.14
N PRO D 57 8.96 -5.04 42.18
CA PRO D 57 9.91 -5.44 43.23
C PRO D 57 11.25 -4.74 43.11
N HIS D 58 11.89 -4.52 44.27
CA HIS D 58 13.19 -3.89 44.35
C HIS D 58 14.24 -4.98 44.25
N ALA D 59 15.18 -4.83 43.32
CA ALA D 59 16.24 -5.83 43.17
C ALA D 59 17.14 -5.88 44.41
N PRO D 60 17.65 -7.06 44.80
CA PRO D 60 18.61 -7.08 45.93
C PRO D 60 19.94 -6.45 45.52
N ARG D 61 20.75 -6.08 46.52
CA ARG D 61 22.06 -5.45 46.29
C ARG D 61 23.14 -6.52 46.21
N ILE D 62 23.88 -6.54 45.10
CA ILE D 62 24.93 -7.54 44.87
C ILE D 62 26.17 -6.89 44.24
N PRO D 63 27.40 -7.43 44.42
CA PRO D 63 28.54 -6.89 43.66
C PRO D 63 28.34 -7.13 42.15
N VAL D 64 28.59 -6.12 41.32
CA VAL D 64 28.43 -6.28 39.86
C VAL D 64 29.82 -6.22 39.24
N THR D 65 30.23 -7.30 38.56
CA THR D 65 31.57 -7.47 38.00
C THR D 65 31.99 -6.29 37.11
N LEU D 66 31.15 -5.93 36.12
CA LEU D 66 31.40 -4.87 35.15
C LEU D 66 31.56 -3.48 35.79
N ASN D 67 30.93 -3.23 36.95
CA ASN D 67 31.09 -1.93 37.60
C ASN D 67 32.11 -2.02 38.77
N MET D 68 33.26 -2.70 38.55
CA MET D 68 34.42 -2.88 39.46
C MET D 68 34.03 -3.57 40.80
N LYS D 69 33.09 -4.56 40.74
CA LYS D 69 32.57 -5.37 41.86
C LYS D 69 31.82 -4.49 42.92
N MET D 70 31.40 -3.28 42.52
CA MET D 70 30.65 -2.34 43.35
C MET D 70 29.26 -2.91 43.66
N VAL D 71 28.86 -2.89 44.93
CA VAL D 71 27.58 -3.44 45.36
C VAL D 71 26.48 -2.46 44.98
N MET D 72 25.48 -2.94 44.22
CA MET D 72 24.36 -2.12 43.76
C MET D 72 23.12 -2.98 43.45
N PRO D 73 21.90 -2.39 43.38
CA PRO D 73 20.72 -3.21 43.01
C PRO D 73 20.92 -3.76 41.62
N SER D 74 20.81 -5.09 41.48
CA SER D 74 21.02 -5.79 40.22
C SER D 74 20.32 -7.11 40.26
N TRP D 75 19.68 -7.52 39.15
CA TRP D 75 18.91 -8.78 39.12
C TRP D 75 19.81 -10.01 39.06
N PHE D 76 21.04 -9.81 38.57
CA PHE D 76 22.09 -10.82 38.35
C PHE D 76 23.38 -10.10 37.94
N ASP D 77 24.50 -10.82 37.92
CA ASP D 77 25.79 -10.23 37.56
C ASP D 77 25.87 -9.87 36.09
N LEU D 78 26.69 -8.84 35.79
CA LEU D 78 26.95 -8.37 34.43
C LEU D 78 28.45 -8.28 34.25
N MET D 79 28.93 -8.74 33.08
CA MET D 79 30.35 -8.83 32.74
C MET D 79 30.76 -8.13 31.41
N GLY D 80 29.90 -8.12 30.39
CA GLY D 80 30.23 -7.47 29.12
C GLY D 80 29.01 -6.95 28.39
N LEU D 81 29.21 -6.04 27.41
CA LEU D 81 28.12 -5.38 26.67
C LEU D 81 27.85 -5.92 25.24
N SER D 82 28.67 -6.88 24.77
CA SER D 82 28.52 -7.48 23.44
C SER D 82 27.54 -8.67 23.52
N PRO D 83 26.81 -9.02 22.43
CA PRO D 83 25.89 -10.16 22.51
C PRO D 83 26.53 -11.51 22.85
N ASP D 84 27.85 -11.68 22.62
CA ASP D 84 28.56 -12.93 22.91
C ASP D 84 29.36 -12.88 24.23
N ALA D 85 29.18 -11.79 25.01
CA ALA D 85 29.82 -11.63 26.33
C ALA D 85 29.31 -12.68 27.29
N PRO D 86 30.14 -13.16 28.27
CA PRO D 86 29.59 -14.17 29.20
C PRO D 86 28.48 -13.56 30.02
N GLU D 87 27.43 -14.36 30.27
CA GLU D 87 26.31 -13.99 31.09
C GLU D 87 26.27 -14.86 32.33
N ASP D 88 25.65 -14.33 33.38
CA ASP D 88 25.53 -14.96 34.68
C ASP D 88 24.35 -15.96 34.64
N GLU D 89 24.57 -17.12 33.98
CA GLU D 89 23.59 -18.19 33.79
C GLU D 89 23.00 -18.66 35.12
N ALA D 90 23.86 -18.85 36.15
CA ALA D 90 23.40 -19.29 37.48
C ALA D 90 22.52 -18.21 38.15
N GLY D 91 22.93 -16.95 38.06
CA GLY D 91 22.18 -15.83 38.63
C GLY D 91 20.87 -15.51 37.93
N ILE D 92 20.81 -15.68 36.59
CA ILE D 92 19.60 -15.41 35.79
C ILE D 92 18.57 -16.49 36.14
N LYS D 93 19.03 -17.76 36.29
CA LYS D 93 18.18 -18.90 36.62
C LYS D 93 17.57 -18.81 38.04
N LYS D 94 18.34 -18.32 39.03
CA LYS D 94 17.81 -18.19 40.39
C LYS D 94 16.84 -17.00 40.46
N ALA D 95 17.19 -15.89 39.78
CA ALA D 95 16.33 -14.71 39.73
C ALA D 95 14.99 -15.04 39.04
N ALA D 96 15.02 -15.89 37.98
CA ALA D 96 13.80 -16.35 37.28
C ALA D 96 12.93 -17.13 38.24
N GLU D 97 13.57 -18.04 39.04
CA GLU D 97 12.88 -18.83 40.06
C GLU D 97 12.18 -17.92 41.07
N ASN D 98 12.85 -16.82 41.51
CA ASN D 98 12.28 -15.85 42.44
C ASN D 98 11.04 -15.17 41.83
N ILE D 99 11.11 -14.76 40.54
CA ILE D 99 9.97 -14.16 39.83
C ILE D 99 8.87 -15.23 39.64
N LYS D 100 9.27 -16.50 39.39
CA LYS D 100 8.32 -17.61 39.25
C LYS D 100 7.58 -17.86 40.59
N ALA D 101 8.26 -17.63 41.73
CA ALA D 101 7.65 -17.76 43.06
C ALA D 101 6.59 -16.67 43.26
N LEU D 102 6.83 -15.47 42.67
CA LEU D 102 5.91 -14.33 42.74
CA LEU D 102 5.92 -14.32 42.71
C LEU D 102 4.66 -14.61 41.91
N ILE D 103 4.82 -15.24 40.73
CA ILE D 103 3.70 -15.60 39.84
C ILE D 103 2.81 -16.63 40.56
N GLU D 104 3.42 -17.67 41.18
CA GLU D 104 2.73 -18.76 41.89
C GLU D 104 1.90 -18.26 43.08
N HIS D 105 2.33 -17.14 43.68
CA HIS D 105 1.66 -16.51 44.82
C HIS D 105 0.39 -15.79 44.36
N GLU D 106 0.47 -15.08 43.22
CA GLU D 106 -0.66 -14.34 42.64
C GLU D 106 -1.75 -15.30 42.18
N MET D 107 -1.34 -16.46 41.61
CA MET D 107 -2.23 -17.52 41.14
C MET D 107 -2.99 -18.14 42.32
N LYS D 108 -2.27 -18.49 43.40
CA LYS D 108 -2.82 -19.06 44.64
C LYS D 108 -3.82 -18.11 45.34
N ASN D 109 -3.71 -16.78 45.09
CA ASN D 109 -4.62 -15.83 45.72
C ASN D 109 -5.71 -15.31 44.74
N GLY D 110 -5.97 -16.07 43.67
CA GLY D 110 -7.06 -15.79 42.73
C GLY D 110 -6.81 -14.99 41.47
N ILE D 111 -5.55 -14.75 41.09
CA ILE D 111 -5.25 -14.05 39.85
C ILE D 111 -4.62 -15.07 38.91
N PRO D 112 -5.40 -15.65 37.99
CA PRO D 112 -4.84 -16.66 37.07
C PRO D 112 -3.69 -16.14 36.23
N ALA D 113 -2.83 -17.08 35.80
CA ALA D 113 -1.64 -16.83 35.01
C ALA D 113 -1.96 -16.10 33.69
N ASN D 114 -3.07 -16.46 33.00
CA ASN D 114 -3.44 -15.82 31.74
C ASN D 114 -3.95 -14.36 31.93
N ARG D 115 -3.84 -13.85 33.18
CA ARG D 115 -4.18 -12.49 33.60
C ARG D 115 -2.94 -11.83 34.23
N ILE D 116 -1.75 -12.48 34.14
CA ILE D 116 -0.48 -11.97 34.68
C ILE D 116 0.48 -11.66 33.53
N VAL D 117 1.04 -10.44 33.55
CA VAL D 117 2.00 -9.95 32.56
C VAL D 117 3.32 -9.68 33.26
N LEU D 118 4.44 -10.10 32.61
CA LEU D 118 5.79 -9.82 33.11
C LEU D 118 6.33 -8.70 32.25
N GLY D 119 7.00 -7.75 32.88
CA GLY D 119 7.57 -6.63 32.17
C GLY D 119 8.85 -6.10 32.80
N GLY D 120 9.52 -5.23 32.09
CA GLY D 120 10.73 -4.66 32.65
C GLY D 120 11.47 -3.74 31.71
N PHE D 121 12.48 -3.09 32.26
CA PHE D 121 13.32 -2.15 31.56
C PHE D 121 14.76 -2.63 31.64
N SER D 122 15.44 -2.64 30.47
CA SER D 122 16.86 -3.01 30.33
C SER D 122 17.16 -4.36 31.06
N GLN D 123 18.00 -4.39 32.13
CA GLN D 123 18.30 -5.65 32.83
C GLN D 123 16.99 -6.31 33.37
N GLY D 124 16.04 -5.52 33.89
CA GLY D 124 14.75 -6.04 34.35
C GLY D 124 13.88 -6.66 33.26
N GLY D 125 13.88 -6.05 32.09
CA GLY D 125 13.14 -6.52 30.91
C GLY D 125 13.72 -7.82 30.40
N ALA D 126 15.05 -7.92 30.44
CA ALA D 126 15.82 -9.11 30.06
C ALA D 126 15.40 -10.29 30.94
N LEU D 127 15.42 -10.11 32.28
CA LEU D 127 14.99 -11.14 33.22
C LEU D 127 13.52 -11.52 32.93
N SER D 128 12.64 -10.50 32.68
CA SER D 128 11.22 -10.70 32.36
CA SER D 128 11.22 -10.71 32.37
C SER D 128 11.05 -11.59 31.12
N LEU D 129 11.87 -11.34 30.08
CA LEU D 129 11.85 -12.12 28.84
C LEU D 129 12.20 -13.57 29.11
N TYR D 130 13.27 -13.79 29.89
CA TYR D 130 13.73 -15.15 30.17
C TYR D 130 12.72 -15.92 31.03
N THR D 131 12.25 -15.28 32.12
CA THR D 131 11.32 -15.89 33.08
C THR D 131 10.04 -16.35 32.38
N ALA D 132 9.42 -15.47 31.59
CA ALA D 132 8.15 -15.74 30.91
C ALA D 132 8.25 -16.83 29.86
N LEU D 133 9.36 -16.89 29.11
CA LEU D 133 9.58 -17.90 28.08
C LEU D 133 9.85 -19.29 28.68
N THR D 134 10.36 -19.35 29.93
CA THR D 134 10.65 -20.60 30.64
C THR D 134 9.57 -20.97 31.69
N CYS D 135 8.48 -20.18 31.76
CA CYS D 135 7.38 -20.36 32.72
C CYS D 135 6.49 -21.57 32.36
N PRO D 136 6.21 -22.49 33.33
CA PRO D 136 5.32 -23.63 33.03
C PRO D 136 3.83 -23.23 32.91
N HIS D 137 3.44 -22.18 33.63
CA HIS D 137 2.09 -21.62 33.67
C HIS D 137 1.82 -20.76 32.42
N PRO D 138 0.59 -20.74 31.84
CA PRO D 138 0.37 -19.91 30.64
C PRO D 138 0.23 -18.43 31.00
N LEU D 139 1.31 -17.63 30.81
CA LEU D 139 1.20 -16.21 31.12
C LEU D 139 0.51 -15.47 30.00
N ALA D 140 -0.07 -14.29 30.31
CA ALA D 140 -0.76 -13.46 29.34
C ALA D 140 0.22 -12.86 28.35
N GLY D 141 1.30 -12.25 28.85
CA GLY D 141 2.27 -11.66 27.96
C GLY D 141 3.45 -10.99 28.62
N ILE D 142 4.23 -10.29 27.79
CA ILE D 142 5.45 -9.57 28.22
C ILE D 142 5.50 -8.15 27.65
N VAL D 143 5.94 -7.19 28.48
CA VAL D 143 6.23 -5.81 28.11
C VAL D 143 7.75 -5.69 28.28
N ALA D 144 8.50 -5.79 27.16
CA ALA D 144 9.96 -5.81 27.22
C ALA D 144 10.55 -4.50 26.68
N LEU D 145 11.03 -3.62 27.60
CA LEU D 145 11.55 -2.29 27.23
C LEU D 145 13.05 -2.18 27.23
N SER D 146 13.62 -1.76 26.07
CA SER D 146 15.03 -1.44 25.85
C SER D 146 15.94 -2.51 26.45
N CYS D 147 15.71 -3.78 26.06
CA CYS D 147 16.41 -4.89 26.64
C CYS D 147 16.86 -5.90 25.60
N TRP D 148 17.32 -7.06 26.07
CA TRP D 148 17.83 -8.19 25.31
C TRP D 148 17.28 -9.48 25.90
N LEU D 149 17.51 -10.61 25.22
CA LEU D 149 17.15 -11.94 25.71
C LEU D 149 18.37 -12.58 26.37
N PRO D 150 18.36 -12.83 27.70
CA PRO D 150 19.51 -13.51 28.31
C PRO D 150 19.55 -14.97 27.87
N LEU D 151 20.77 -15.53 27.74
CA LEU D 151 21.08 -16.91 27.35
C LEU D 151 20.43 -17.25 25.99
N HIS D 152 20.41 -16.24 25.08
CA HIS D 152 19.74 -16.28 23.76
C HIS D 152 20.10 -17.50 22.91
N ARG D 153 21.35 -18.03 23.02
CA ARG D 153 21.75 -19.19 22.20
C ARG D 153 21.02 -20.49 22.63
N ALA D 154 20.44 -20.53 23.87
CA ALA D 154 19.70 -21.71 24.33
C ALA D 154 18.26 -21.77 23.77
N PHE D 155 17.77 -20.65 23.19
CA PHE D 155 16.43 -20.49 22.61
C PHE D 155 16.45 -20.79 21.10
N PRO D 156 15.34 -21.21 20.44
CA PRO D 156 13.96 -21.40 20.95
C PRO D 156 13.77 -22.63 21.84
N GLN D 157 14.76 -23.54 21.82
CA GLN D 157 14.73 -24.85 22.48
C GLN D 157 14.39 -24.71 23.97
N ALA D 158 15.06 -23.76 24.65
CA ALA D 158 14.91 -23.44 26.07
C ALA D 158 13.49 -23.08 26.49
N ALA D 159 12.68 -22.48 25.57
CA ALA D 159 11.32 -22.04 25.88
C ALA D 159 10.37 -23.20 26.18
N ASN D 160 9.44 -22.98 27.12
CA ASN D 160 8.40 -23.91 27.55
C ASN D 160 7.37 -24.05 26.42
N GLY D 161 6.58 -25.13 26.44
CA GLY D 161 5.52 -25.35 25.46
C GLY D 161 4.43 -24.31 25.52
N SER D 162 4.21 -23.73 26.73
CA SER D 162 3.23 -22.68 26.99
C SER D 162 3.60 -21.33 26.33
N ALA D 163 4.91 -21.07 26.09
CA ALA D 163 5.43 -19.82 25.52
C ALA D 163 4.77 -19.39 24.20
N LYS D 164 4.36 -20.35 23.33
CA LYS D 164 3.67 -20.08 22.07
C LYS D 164 2.45 -19.16 22.23
N ASP D 165 1.74 -19.27 23.37
CA ASP D 165 0.51 -18.52 23.61
C ASP D 165 0.76 -17.11 24.22
N LEU D 166 2.01 -16.65 24.27
CA LEU D 166 2.33 -15.33 24.83
C LEU D 166 2.15 -14.21 23.83
N ALA D 167 1.70 -13.03 24.29
CA ALA D 167 1.62 -11.82 23.47
C ALA D 167 2.75 -10.91 23.95
N ILE D 168 3.69 -10.55 23.06
CA ILE D 168 4.86 -9.76 23.42
C ILE D 168 4.85 -8.37 22.81
N LEU D 169 5.04 -7.34 23.66
CA LEU D 169 5.24 -5.98 23.20
C LEU D 169 6.69 -5.61 23.60
N GLN D 170 7.57 -5.47 22.61
CA GLN D 170 8.97 -5.11 22.82
C GLN D 170 9.17 -3.71 22.29
N CYS D 171 9.63 -2.78 23.16
CA CYS D 171 9.92 -1.40 22.77
C CYS D 171 11.41 -1.13 22.89
N HIS D 172 11.91 -0.19 22.08
CA HIS D 172 13.31 0.22 22.08
C HIS D 172 13.48 1.63 21.55
N GLY D 173 14.42 2.37 22.14
CA GLY D 173 14.78 3.70 21.70
C GLY D 173 15.85 3.60 20.62
N GLU D 174 15.64 4.29 19.47
CA GLU D 174 16.54 4.29 18.30
C GLU D 174 17.99 4.66 18.64
N LEU D 175 18.20 5.68 19.50
CA LEU D 175 19.53 6.19 19.82
C LEU D 175 20.09 5.64 21.15
N ASP D 176 19.58 4.47 21.62
CA ASP D 176 20.06 3.85 22.87
C ASP D 176 21.55 3.46 22.79
N PRO D 177 22.42 4.04 23.63
CA PRO D 177 23.85 3.66 23.57
C PRO D 177 24.21 2.54 24.57
N MET D 178 23.33 2.25 25.57
CA MET D 178 23.57 1.18 26.57
C MET D 178 23.21 -0.16 25.98
N VAL D 179 22.00 -0.26 25.39
CA VAL D 179 21.54 -1.46 24.67
C VAL D 179 21.23 -0.98 23.27
N PRO D 180 22.20 -0.99 22.33
CA PRO D 180 21.91 -0.51 20.95
C PRO D 180 20.62 -1.10 20.37
N VAL D 181 19.89 -0.30 19.54
CA VAL D 181 18.61 -0.72 18.93
C VAL D 181 18.77 -2.08 18.19
N ARG D 182 19.95 -2.34 17.54
CA ARG D 182 20.24 -3.60 16.83
C ARG D 182 20.15 -4.81 17.77
N PHE D 183 20.50 -4.64 19.05
CA PHE D 183 20.45 -5.75 20.02
C PHE D 183 18.97 -6.10 20.35
N GLY D 184 18.09 -5.08 20.43
CA GLY D 184 16.66 -5.30 20.63
C GLY D 184 16.06 -5.96 19.38
N ALA D 185 16.59 -5.58 18.20
CA ALA D 185 16.16 -6.14 16.91
C ALA D 185 16.55 -7.62 16.83
N LEU D 186 17.79 -7.98 17.25
CA LEU D 186 18.25 -9.38 17.27
C LEU D 186 17.40 -10.19 18.25
N THR D 187 17.03 -9.57 19.39
CA THR D 187 16.20 -10.21 20.39
C THR D 187 14.81 -10.51 19.84
N ALA D 188 14.18 -9.54 19.12
CA ALA D 188 12.83 -9.67 18.52
C ALA D 188 12.77 -10.80 17.53
N GLU D 189 13.88 -11.00 16.80
CA GLU D 189 14.07 -12.07 15.81
C GLU D 189 14.11 -13.41 16.57
N LYS D 190 14.83 -13.47 17.69
CA LYS D 190 14.89 -14.66 18.54
C LYS D 190 13.50 -14.94 19.16
N LEU D 191 12.74 -13.89 19.58
CA LEU D 191 11.40 -14.06 20.16
C LEU D 191 10.41 -14.60 19.13
N ARG D 192 10.57 -14.20 17.86
CA ARG D 192 9.73 -14.63 16.72
C ARG D 192 9.99 -16.11 16.36
N SER D 193 11.00 -16.75 16.98
CA SER D 193 11.30 -18.17 16.76
C SER D 193 10.54 -19.01 17.80
N VAL D 194 9.92 -18.33 18.79
CA VAL D 194 9.15 -18.97 19.86
C VAL D 194 7.65 -18.69 19.58
N VAL D 195 7.28 -17.40 19.44
CA VAL D 195 5.91 -16.95 19.18
C VAL D 195 5.82 -16.49 17.71
N THR D 196 4.60 -16.45 17.13
CA THR D 196 4.39 -16.03 15.74
C THR D 196 4.76 -14.54 15.55
N PRO D 197 5.27 -14.11 14.36
CA PRO D 197 5.64 -12.70 14.17
C PRO D 197 4.51 -11.70 14.40
N ALA D 198 3.25 -12.13 14.23
CA ALA D 198 2.07 -11.31 14.45
C ALA D 198 1.86 -11.01 15.95
N ARG D 199 2.33 -11.92 16.85
CA ARG D 199 2.21 -11.81 18.32
C ARG D 199 3.48 -11.20 18.99
N VAL D 200 4.46 -10.82 18.16
CA VAL D 200 5.69 -10.19 18.62
C VAL D 200 5.70 -8.80 17.99
N GLN D 201 5.36 -7.77 18.80
CA GLN D 201 5.31 -6.39 18.30
C GLN D 201 6.58 -5.64 18.71
N PHE D 202 7.49 -5.40 17.74
CA PHE D 202 8.74 -4.66 18.01
C PHE D 202 8.57 -3.21 17.56
N LYS D 203 8.59 -2.24 18.51
CA LYS D 203 8.42 -0.83 18.18
C LYS D 203 9.62 -0.01 18.57
N THR D 204 10.15 0.79 17.63
CA THR D 204 11.33 1.62 17.87
C THR D 204 10.92 3.10 17.77
N TYR D 205 11.53 3.92 18.63
CA TYR D 205 11.23 5.35 18.71
C TYR D 205 12.45 6.23 18.37
N PRO D 206 12.35 7.06 17.29
CA PRO D 206 13.46 7.97 16.95
C PRO D 206 13.68 9.04 18.02
N GLY D 207 14.93 9.46 18.19
CA GLY D 207 15.32 10.47 19.17
C GLY D 207 15.33 10.01 20.62
N VAL D 208 14.95 8.73 20.88
CA VAL D 208 14.87 8.16 22.23
C VAL D 208 16.14 7.35 22.51
N MET D 209 16.75 7.60 23.68
CA MET D 209 17.98 6.94 24.09
CA MET D 209 17.98 6.93 24.06
C MET D 209 17.65 5.80 25.07
N HIS D 210 18.43 5.66 26.18
CA HIS D 210 18.18 4.61 27.17
C HIS D 210 17.19 5.15 28.19
N SER D 211 15.90 5.21 27.78
CA SER D 211 14.82 5.75 28.60
C SER D 211 13.46 5.36 28.07
N SER D 212 12.42 5.77 28.81
CA SER D 212 11.03 5.61 28.38
CA SER D 212 11.04 5.61 28.37
C SER D 212 10.63 6.88 27.62
N CYS D 213 9.43 6.91 27.05
CA CYS D 213 8.92 8.08 26.34
C CYS D 213 7.38 8.02 26.35
N PRO D 214 6.65 9.16 26.24
CA PRO D 214 5.17 9.11 26.26
C PRO D 214 4.58 8.11 25.24
N GLN D 215 5.12 8.10 24.00
CA GLN D 215 4.70 7.22 22.93
C GLN D 215 4.83 5.76 23.35
N GLU D 216 5.95 5.40 24.05
CA GLU D 216 6.19 4.07 24.59
C GLU D 216 5.13 3.70 25.64
N MET D 217 4.87 4.62 26.60
CA MET D 217 3.91 4.45 27.70
C MET D 217 2.49 4.27 27.14
N ALA D 218 2.19 4.93 25.99
CA ALA D 218 0.89 4.80 25.31
C ALA D 218 0.75 3.42 24.70
N ALA D 219 1.85 2.88 24.14
CA ALA D 219 1.89 1.53 23.60
C ALA D 219 1.70 0.51 24.72
N VAL D 220 2.32 0.73 25.91
CA VAL D 220 2.16 -0.18 27.04
C VAL D 220 0.68 -0.21 27.47
N LYS D 221 0.02 0.97 27.63
CA LYS D 221 -1.40 1.13 28.01
C LYS D 221 -2.31 0.47 26.96
N GLU D 222 -2.09 0.73 25.64
CA GLU D 222 -2.91 0.11 24.59
C GLU D 222 -2.74 -1.42 24.60
N PHE D 223 -1.50 -1.92 24.75
CA PHE D 223 -1.22 -3.36 24.82
C PHE D 223 -1.90 -4.03 26.04
N LEU D 224 -1.87 -3.38 27.22
CA LEU D 224 -2.48 -3.93 28.44
C LEU D 224 -4.01 -3.82 28.40
N GLU D 225 -4.56 -2.76 27.79
CA GLU D 225 -6.02 -2.56 27.67
C GLU D 225 -6.65 -3.67 26.79
N LYS D 226 -5.89 -4.21 25.80
CA LYS D 226 -6.33 -5.27 24.90
C LYS D 226 -6.15 -6.65 25.56
N LEU D 227 -4.96 -6.92 26.14
CA LEU D 227 -4.58 -8.18 26.78
C LEU D 227 -5.31 -8.42 28.11
N LEU D 228 -5.54 -7.35 28.91
CA LEU D 228 -6.22 -7.46 30.22
C LEU D 228 -7.52 -6.61 30.29
N PRO D 229 -8.61 -7.01 29.60
CA PRO D 229 -9.86 -6.21 29.66
C PRO D 229 -10.62 -6.40 30.98
N PRO D 230 -11.57 -5.48 31.37
CA PRO D 230 -12.32 -5.67 32.63
C PRO D 230 -12.99 -7.04 32.76
N VAL D 231 -12.76 -7.72 33.91
CA VAL D 231 -13.28 -9.05 34.27
C VAL D 231 -12.95 -10.07 33.16
C21 71T E . -1.75 -7.69 5.84
C8 71T E . 2.51 -11.45 1.60
C6 71T E . 1.14 -10.34 4.07
C5 71T E . 0.00 -9.36 4.07
C2 71T E . -1.62 -5.02 5.13
C10 71T E . 1.19 -13.01 0.45
C11 71T E . 2.44 -13.61 0.36
C12 71T E . 2.64 -14.89 -0.27
C13 71T E . 3.75 -15.68 0.06
C18 71T E . -0.01 -13.63 -0.18
C19 71T E . 2.75 -8.55 4.10
C17 71T E . 1.72 -15.40 -1.20
C15 71T E . 3.01 -17.41 -1.44
N 71T E . 0.39 -8.13 4.74
C 71T E . -3.80 -3.35 5.89
O 71T E . -3.81 -4.75 6.19
C1 71T E . -2.72 -5.50 5.82
N1 71T E . 2.30 -9.75 3.39
O1 71T E . -0.70 -15.30 -2.08
S1 71T E . 3.67 -12.64 1.14
O2 71T E . 0.81 -13.42 -2.58
C3 71T E . -0.60 -5.88 4.79
O3 71T E . 3.99 -9.71 1.92
C4 71T E . -0.65 -7.23 5.13
C7 71T E . 2.96 -10.24 2.32
C9 71T E . 1.24 -11.78 1.17
C14 71T E . 3.92 -16.93 -0.53
C16 71T E . 1.89 -16.65 -1.78
C20 71T E . 1.62 -7.54 4.19
C22 71T E . -2.79 -6.82 6.18
S 71T E . 0.39 -14.45 -1.68
H20 71T E . -1.80 -8.71 6.20
H7 71T E . 0.80 -11.31 3.70
H8 71T E . 1.44 -10.53 5.10
H6 71T E . -0.86 -9.83 4.55
H5 71T E . -0.30 -9.20 3.03
H3 71T E . -1.55 -3.97 4.84
H10 71T E . 4.46 -15.34 0.79
H15 71T E . -0.77 -12.86 -0.28
H16 71T E . 3.61 -8.07 3.63
H17 71T E . 3.11 -8.83 5.08
H12 71T E . 3.16 -18.38 -1.90
H 71T E . -4.75 -3.01 6.29
H1 71T E . -3.76 -3.11 4.83
H2 71T E . -3.00 -2.84 6.44
H4 71T E . 0.21 -5.45 4.19
H9 71T E . 0.36 -11.16 1.35
H11 71T E . 4.80 -17.53 -0.26
H13 71T E . 1.19 -17.05 -2.50
H18 71T E . 1.44 -7.13 3.20
H19 71T E . 1.98 -6.70 4.77
H21 71T E . -3.60 -7.24 6.78
H14 71T E . -0.51 -14.30 0.53
C1 EDO F . -9.76 12.61 -25.84
O1 EDO F . -10.25 13.56 -24.91
C2 EDO F . -8.61 11.82 -25.18
O2 EDO F . -9.12 11.01 -24.14
C21 71T G . 8.34 -22.18 -51.43
C8 71T G . 7.76 -24.93 -44.99
C6 71T G . 8.27 -24.67 -47.93
C5 71T G . 8.15 -23.43 -48.75
C2 71T G . 5.95 -21.13 -52.38
C10 71T G . 9.42 -23.91 -43.68
C11 71T G . 9.25 -25.09 -42.97
C12 71T G . 10.00 -25.44 -41.77
C13 71T G . 10.19 -26.75 -41.34
C18 71T G . 10.37 -22.90 -43.23
C19 71T G . 5.98 -25.25 -48.38
C17 71T G . 10.62 -24.40 -41.04
C15 71T G . 11.63 -26.00 -39.56
N 71T G . 7.14 -23.57 -49.81
C 71T G . 6.29 -19.23 -54.60
O 71T G . 7.41 -19.80 -53.92
C1 71T G . 7.16 -20.69 -52.90
N1 71T G . 6.98 -25.00 -47.33
O1 71T G . 11.55 -22.03 -41.07
S1 71T G . 8.05 -26.09 -43.74
O2 71T G . 9.11 -22.40 -41.04
C3 71T G . 5.94 -22.05 -51.35
O3 71T G . 5.59 -25.49 -45.62
C4 71T G . 7.14 -22.60 -50.85
C7 71T G . 6.69 -25.13 -46.01
C9 71T G . 8.56 -23.84 -44.83
C14 71T G . 10.99 -27.02 -40.24
C16 71T G . 11.45 -24.69 -39.95
C20 71T G . 5.84 -24.04 -49.30
C22 71T G . 8.35 -21.22 -52.44
S 71T G . 10.41 -22.80 -41.49
H20 71T G . 9.29 -22.62 -51.16
H7 71T G . 9.12 -24.59 -47.26
H8 71T G . 8.54 -25.51 -48.59
H6 71T G . 9.13 -23.21 -49.16
H5 71T G . 7.94 -22.60 -48.08
H3 71T G . 5.01 -20.74 -52.75
H10 71T G . 9.77 -27.57 -41.91
H15 71T G . 10.14 -21.97 -43.74
H16 71T G . 5.00 -25.52 -47.97
H17 71T G . 6.28 -26.13 -48.93
H12 71T G . 12.27 -26.24 -38.71
H 71T G . 6.74 -18.80 -55.49
H1 71T G . 5.79 -18.43 -54.05
H2 71T G . 5.56 -19.99 -54.92
H4 71T G . 4.96 -22.30 -50.93
H9 71T G . 8.58 -22.99 -45.52
H11 71T G . 11.09 -28.05 -39.90
H13 71T G . 11.96 -23.90 -39.39
H18 71T G . 5.31 -23.25 -48.77
H19 71T G . 5.16 -24.33 -50.10
H21 71T G . 9.31 -20.93 -52.85
H14 71T G . 11.36 -23.11 -43.65
C1 EDO H . -3.52 -16.71 -34.87
O1 EDO H . -4.31 -17.87 -34.76
C2 EDO H . -3.46 -15.98 -33.51
O2 EDO H . -3.17 -14.63 -33.78
C1 EDO I . 15.46 -10.13 -33.81
O1 EDO I . 16.63 -10.50 -34.51
C2 EDO I . 14.51 -11.34 -33.64
O2 EDO I . 15.18 -12.37 -32.94
C1 EDO J . -13.69 -6.08 -34.06
O1 EDO J . -13.48 -5.02 -34.99
C2 EDO J . -13.29 -5.63 -32.63
O2 EDO J . -13.27 -6.76 -31.78
C1 EDO K . 7.84 -40.60 -29.15
O1 EDO K . 7.61 -39.25 -29.54
C2 EDO K . 6.69 -41.45 -29.70
O2 EDO K . 6.72 -41.31 -31.09
C21 71T L . -14.85 19.72 6.22
C8 71T L . -20.23 19.80 10.92
C6 71T L . -18.58 19.44 8.36
C5 71T L . -17.10 19.69 8.22
C2 71T L . -13.55 22.16 6.20
C10 71T L . -19.80 18.20 12.56
C11 71T L . -21.17 18.35 12.72
C12 71T L . -21.97 17.63 13.67
C13 71T L . -23.35 17.51 13.54
C18 71T L . -19.04 17.23 13.36
C19 71T L . -19.08 21.71 7.76
C17 71T L . -21.34 16.86 14.68
C15 71T L . -23.42 15.82 15.24
N 71T L . -16.85 20.74 7.22
C 71T L . -11.03 22.21 4.74
O 71T L . -11.73 20.99 5.00
C1 71T L . -12.92 21.05 5.68
N1 71T L . -19.26 20.66 8.78
O1 71T L . -19.12 15.91 15.57
S1 71T L . -21.80 19.50 11.59
O2 71T L . -19.47 18.38 15.59
C3 71T L . -14.82 22.06 6.74
O3 71T L . -20.57 21.92 10.09
C4 71T L . -15.51 20.84 6.75
C7 71T L . -20.01 20.86 9.90
C9 71T L . -19.27 19.05 11.52
C14 71T L . -24.07 16.60 14.30
C16 71T L . -22.07 15.96 15.45
C20 71T L . -17.59 21.97 7.50
C22 71T L . -13.57 19.82 5.71
S 71T L . -19.67 17.10 14.99
H20 71T L . -15.35 18.75 6.17
H7 71T L . -18.76 18.55 8.96
H8 71T L . -18.99 19.18 7.37
H6 71T L . -16.62 18.75 7.97
H5 71T L . -16.73 19.95 9.21
H3 71T L . -13.04 23.13 6.21
H10 71T L . -23.89 18.15 12.84
H15 71T L . -17.99 17.49 13.31
H16 71T L . -19.56 22.66 8.04
H17 71T L . -19.61 21.42 6.86
H12 71T L . -23.99 15.10 15.82
H 71T L . -10.22 21.90 4.08
H1 71T L . -10.59 22.65 5.63
H2 71T L . -11.65 22.94 4.23
H4 71T L . -15.24 22.97 7.16
H9 71T L . -18.22 19.05 11.26
H11 71T L . -25.14 16.51 14.16
H13 71T L . -21.58 15.37 16.22
H18 71T L . -17.18 22.50 8.35
H19 71T L . -17.52 22.68 6.67
H21 71T L . -13.13 18.91 5.30
H14 71T L . -19.03 16.27 12.85
C1 EDO M . -12.27 12.78 27.07
O1 EDO M . -13.60 12.34 26.91
C2 EDO M . -11.34 12.05 26.07
O2 EDO M . -10.93 10.80 26.61
C21 71T N . 22.55 -8.66 22.92
C8 71T N . 24.73 -6.46 29.33
C6 71T N . 24.63 -7.20 26.41
C5 71T N . 23.42 -7.67 25.64
C2 71T N . 21.27 -11.11 23.13
C10 71T N . 23.71 -4.40 29.70
C11 71T N . 24.82 -4.27 30.52
C12 71T N . 25.10 -3.10 31.32
C13 71T N . 26.38 -2.83 31.83
C18 71T N . 22.72 -3.34 29.59
C19 71T N . 25.23 -9.46 26.97
C17 71T N . 24.08 -2.17 31.56
C15 71T N . 25.61 -0.73 32.71
N 71T N . 23.67 -9.00 25.08
C 71T N . 19.43 -11.76 20.98
O 71T N . 20.14 -10.53 21.01
C1 71T N . 21.01 -10.29 22.04
N1 71T N . 24.91 -8.12 27.51
O1 71T N . 21.77 -1.32 30.86
S1 71T N . 25.81 -5.69 30.45
O2 71T N . 21.87 -3.51 32.00
C3 71T N . 22.14 -10.69 24.12
O3 71T N . 25.11 -8.72 29.68
C4 71T N . 22.79 -9.46 24.03
C7 71T N . 24.90 -7.85 28.84
C9 71T N . 23.66 -5.65 29.02
C14 71T N . 26.62 -1.66 32.52
C16 71T N . 24.34 -0.99 32.23
C20 71T N . 24.09 -9.98 26.10
C22 71T N . 21.65 -9.07 21.93
S 71T N . 22.47 -2.55 31.13
H20 71T N . 23.08 -7.73 22.77
H7 71T N . 24.51 -6.15 26.67
H8 71T N . 25.49 -7.22 25.76
H6 71T N . 23.20 -6.94 24.86
H5 71T N . 22.56 -7.65 26.31
H3 71T N . 20.78 -12.08 23.22
H10 71T N . 27.19 -3.55 31.68
H15 71T N . 21.81 -3.76 29.15
H16 71T N . 25.45 -10.19 27.75
H17 71T N . 26.16 -9.38 26.42
H12 71T N . 25.83 0.19 33.24
H 71T N . 18.95 -11.76 20.00
H1 71T N . 18.65 -11.84 21.74
H2 71T N . 20.09 -12.62 21.02
H4 71T N . 22.25 -11.37 24.97
H9 71T N . 22.87 -5.91 28.33
H11 71T N . 27.62 -1.47 32.91
H13 71T N . 23.56 -0.24 32.39
H18 71T N . 23.25 -10.23 26.73
H19 71T N . 24.40 -10.93 25.66
H21 71T N . 21.51 -8.40 21.09
H14 71T N . 23.01 -2.63 28.80
#